data_2O86
#
_entry.id   2O86
#
_cell.length_a   54.535
_cell.length_b   80.833
_cell.length_c   77.655
_cell.angle_alpha   90.00
_cell.angle_beta   102.96
_cell.angle_gamma   90.00
#
_symmetry.space_group_name_H-M   'P 1 21 1'
#
loop_
_entity.id
_entity.type
_entity.pdbx_description
1 polymer Lactoperoxidase
2 branched alpha-D-mannopyranose-(1-4)-2-acetamido-2-deoxy-beta-D-glucopyranose-(1-4)-2-acetamido-2-deoxy-beta-D-glucopyranose
3 branched 2-acetamido-2-deoxy-beta-D-glucopyranose-(1-4)-2-acetamido-2-deoxy-beta-D-glucopyranose
4 non-polymer 'CALCIUM ION'
5 non-polymer 'CARBONATE ION'
6 non-polymer 'IODIDE ION'
7 non-polymer 'NITRATE ION'
8 non-polymer 'PROTOPORPHYRIN IX CONTAINING FE'
9 water water
#
_entity_poly.entity_id   1
_entity_poly.type   'polypeptide(L)'
_entity_poly.pdbx_seq_one_letter_code
;SWEVGCGAPVPLVKCDENSPYRTITGDCNNRRSPALGAANRALARWLPAEYEDGLALPFGWTQRKTRNGFRVPLAREVSN
KIVGYLDEDGVLDQNRSLLFMQWGQIVDHDLDFAPETELGSNEHSKTQCEEYCIQGDNCFPIMFPKNDPKLKTQGKCMPF
FRAGFVCPTPPYQSLAREQINAVTSFLDASLVYGSEPSLASRLQNLSSPLGLMAVNQEAWDHGLAYLPFNNRKPSPCEFI
NTTARVPCFLAGDFRASEQILLATAHTLLLREHNRLARELKKLNPQWDGEKLYQEARKILGAFVQIITFRDYLPIVLGSE
MQKWIPPYQGYNNSVDPRISNVFTFAFRFGHMEVPSTVSRLDENYQPWGPEAELPLHTLFFNTWRIIKDGGIDPLVRGLL
AKKSKLMNQDKMVTSELRNKLFQPTHKIHGFDLAAINLQRCRDHGMPGYNSWRGFCGLSQPKTLKGLQTVLKNKILAKKL
MDLYKTPDNIDIWIGGNAEPMVERGRVGPLLACLLGRQFQQIRDGDRFWWENPGVFTEKQRDSLQKMSFSRLICDNTHIT
KVPLHAFQANNYPHDFVDCSAVDKLDLSPWASREN
;
_entity_poly.pdbx_strand_id   A
#
loop_
_chem_comp.id
_chem_comp.type
_chem_comp.name
_chem_comp.formula
CA non-polymer 'CALCIUM ION' 'Ca 2'
CO3 non-polymer 'CARBONATE ION' 'C O3 -2'
HEM non-polymer 'PROTOPORPHYRIN IX CONTAINING FE' 'C34 H32 Fe N4 O4'
IOD non-polymer 'IODIDE ION' 'I -1'
MAN D-saccharide, alpha linking alpha-D-mannopyranose 'C6 H12 O6'
NAG D-saccharide, beta linking 2-acetamido-2-deoxy-beta-D-glucopyranose 'C8 H15 N O6'
NO3 non-polymer 'NITRATE ION' 'N O3 -1'
#
# COMPACT_ATOMS: atom_id res chain seq x y z
N SER A 1 25.16 -1.96 -26.07
CA SER A 1 24.19 -0.83 -25.94
C SER A 1 23.08 -1.16 -24.92
N TRP A 2 22.53 -0.12 -24.27
CA TRP A 2 21.54 -0.30 -23.20
C TRP A 2 20.67 0.95 -22.94
N GLU A 3 21.10 2.10 -23.45
CA GLU A 3 20.51 3.42 -23.12
C GLU A 3 20.95 3.83 -21.71
N VAL A 4 21.55 2.88 -20.98
CA VAL A 4 22.01 2.94 -19.57
C VAL A 4 21.88 4.25 -18.75
N GLY A 5 22.28 5.36 -19.37
CA GLY A 5 22.40 6.66 -18.72
C GLY A 5 21.28 7.38 -17.95
N CYS A 6 20.14 7.62 -18.62
CA CYS A 6 19.03 8.40 -18.03
C CYS A 6 18.99 8.32 -16.50
N GLY A 7 19.67 9.29 -15.90
CA GLY A 7 19.73 9.51 -14.47
C GLY A 7 19.40 10.98 -14.31
N ALA A 8 18.46 11.46 -15.14
CA ALA A 8 18.06 12.85 -15.17
C ALA A 8 17.12 13.17 -14.00
N PRO A 9 16.07 13.97 -14.22
CA PRO A 9 15.16 14.34 -13.13
C PRO A 9 14.90 13.38 -11.98
N VAL A 10 15.70 13.60 -10.95
CA VAL A 10 15.72 12.83 -9.71
C VAL A 10 16.61 13.56 -8.70
N PRO A 11 16.35 13.45 -7.39
CA PRO A 11 17.25 14.06 -6.42
C PRO A 11 18.54 13.24 -6.24
N LEU A 12 19.70 13.88 -6.40
CA LEU A 12 20.96 13.20 -6.10
C LEU A 12 21.86 13.98 -5.11
N VAL A 13 22.63 13.23 -4.31
CA VAL A 13 23.63 13.80 -3.40
C VAL A 13 24.85 12.87 -3.17
N LYS A 14 25.56 13.11 -2.07
CA LYS A 14 26.78 12.37 -1.75
C LYS A 14 26.52 11.26 -0.76
N CYS A 15 27.15 10.13 -1.01
CA CYS A 15 27.02 8.97 -0.16
C CYS A 15 27.79 9.18 1.11
N ASP A 16 27.05 9.46 2.17
CA ASP A 16 27.65 9.68 3.46
C ASP A 16 28.82 8.63 3.68
N GLU A 17 28.74 7.42 3.07
CA GLU A 17 29.82 6.37 3.10
C GLU A 17 30.29 6.00 4.51
N ASN A 18 29.89 4.81 4.93
CA ASN A 18 30.15 4.28 6.29
C ASN A 18 29.11 4.78 7.31
N SER A 19 28.29 5.77 6.96
CA SER A 19 27.22 6.21 7.86
C SER A 19 26.29 5.02 8.25
N PRO A 20 25.99 4.87 9.54
CA PRO A 20 25.15 3.77 10.03
C PRO A 20 23.63 4.03 9.90
N TYR A 21 23.23 5.00 9.07
CA TYR A 21 21.84 5.33 8.93
C TYR A 21 21.46 5.42 7.46
N ARG A 22 20.24 4.99 7.15
CA ARG A 22 19.76 5.00 5.79
C ARG A 22 19.67 6.43 5.34
N THR A 23 19.72 6.65 4.04
CA THR A 23 19.41 7.99 3.59
C THR A 23 17.90 8.03 3.44
N ILE A 24 17.36 9.23 3.49
CA ILE A 24 15.93 9.43 3.30
C ILE A 24 15.37 8.91 1.96
N THR A 25 16.14 9.13 0.87
CA THR A 25 15.75 8.75 -0.52
C THR A 25 16.08 7.32 -0.89
N GLY A 26 16.87 6.63 -0.07
CA GLY A 26 17.20 5.26 -0.36
C GLY A 26 18.50 5.12 -1.14
N ASP A 27 19.02 6.27 -1.59
CA ASP A 27 20.33 6.29 -2.23
C ASP A 27 21.39 5.73 -1.28
N CYS A 28 22.53 5.31 -1.85
CA CYS A 28 23.67 4.88 -1.06
C CYS A 28 23.45 3.58 -0.29
N ASN A 29 22.49 2.76 -0.68
CA ASN A 29 22.26 1.53 0.05
C ASN A 29 23.23 0.49 -0.47
N ASN A 30 23.15 0.29 -1.79
CA ASN A 30 24.04 -0.55 -2.58
C ASN A 30 25.20 0.35 -2.92
N ARG A 31 26.39 0.03 -2.45
CA ARG A 31 27.60 0.86 -2.64
C ARG A 31 28.14 0.92 -4.09
N ARG A 32 28.29 -0.24 -4.71
CA ARG A 32 28.80 -0.26 -6.08
C ARG A 32 27.81 0.39 -7.06
N SER A 33 26.53 0.46 -6.67
CA SER A 33 25.52 1.00 -7.58
C SER A 33 24.49 1.84 -6.80
N PRO A 34 24.87 3.06 -6.48
CA PRO A 34 24.21 3.86 -5.45
C PRO A 34 22.75 4.25 -5.60
N ALA A 35 22.12 4.05 -6.74
CA ALA A 35 20.76 4.55 -6.88
C ALA A 35 19.67 3.42 -6.97
N LEU A 36 20.12 2.17 -6.87
CA LEU A 36 19.24 1.04 -6.69
C LEU A 36 18.36 1.17 -5.48
N GLY A 37 17.07 1.25 -5.67
CA GLY A 37 16.17 1.21 -4.55
C GLY A 37 15.68 2.58 -4.17
N ALA A 38 16.06 3.58 -4.92
CA ALA A 38 15.80 4.93 -4.49
C ALA A 38 14.50 5.44 -4.99
N ALA A 39 13.89 6.28 -4.17
CA ALA A 39 12.71 7.01 -4.53
C ALA A 39 12.99 7.86 -5.76
N ASN A 40 11.96 8.09 -6.56
CA ASN A 40 11.97 8.83 -7.83
C ASN A 40 12.78 8.28 -8.97
N ARG A 41 12.68 6.98 -9.19
CA ARG A 41 13.32 6.34 -10.32
C ARG A 41 12.31 5.39 -10.88
N ALA A 42 12.56 4.84 -12.05
CA ALA A 42 11.57 3.99 -12.69
C ALA A 42 11.32 2.69 -11.93
N LEU A 43 10.09 2.20 -12.01
CA LEU A 43 9.75 0.87 -11.54
C LEU A 43 10.65 -0.03 -12.34
N ALA A 44 11.16 -1.09 -11.71
CA ALA A 44 11.95 -2.08 -12.46
C ALA A 44 11.04 -2.82 -13.44
N ARG A 45 11.59 -3.45 -14.46
CA ARG A 45 10.81 -4.23 -15.42
C ARG A 45 11.34 -5.65 -15.44
N TRP A 46 10.56 -6.59 -14.93
CA TRP A 46 10.97 -7.99 -14.98
C TRP A 46 10.75 -8.59 -16.35
N LEU A 47 9.77 -8.07 -17.10
CA LEU A 47 9.40 -8.49 -18.48
C LEU A 47 9.19 -7.23 -19.33
N PRO A 48 9.45 -7.29 -20.61
CA PRO A 48 9.40 -6.06 -21.39
C PRO A 48 8.00 -5.54 -21.45
N ALA A 49 7.82 -4.23 -21.51
CA ALA A 49 6.46 -3.69 -21.52
C ALA A 49 5.69 -4.03 -22.78
N GLU A 50 4.38 -4.19 -22.62
CA GLU A 50 3.53 -4.47 -23.76
C GLU A 50 2.55 -3.34 -23.90
N TYR A 51 2.87 -2.44 -24.83
CA TYR A 51 2.05 -1.29 -25.19
C TYR A 51 1.44 -1.51 -26.58
N GLU A 52 0.33 -0.83 -26.87
CA GLU A 52 -0.34 -0.93 -28.18
C GLU A 52 0.58 -0.57 -29.40
N ASP A 53 1.37 0.48 -29.25
CA ASP A 53 2.18 0.98 -30.37
C ASP A 53 3.58 0.72 -30.00
N GLY A 54 3.74 -0.34 -29.23
CA GLY A 54 5.05 -0.82 -28.85
C GLY A 54 5.70 0.03 -27.81
N LEU A 55 5.50 1.35 -27.88
CA LEU A 55 6.28 2.31 -27.10
C LEU A 55 5.63 2.97 -25.90
N ALA A 56 4.33 3.19 -25.91
CA ALA A 56 3.74 3.98 -24.85
C ALA A 56 2.22 4.03 -24.76
N LEU A 57 1.53 3.69 -25.83
CA LEU A 57 0.07 3.81 -25.85
C LEU A 57 -0.52 2.53 -25.30
N PRO A 58 -1.44 2.65 -24.35
CA PRO A 58 -1.94 1.46 -23.68
C PRO A 58 -2.94 0.74 -24.57
N PHE A 59 -3.18 -0.54 -24.27
CA PHE A 59 -4.15 -1.35 -24.97
C PHE A 59 -5.53 -0.85 -24.64
N GLY A 60 -6.38 -0.67 -25.64
CA GLY A 60 -7.71 -0.12 -25.43
C GLY A 60 -7.81 1.30 -25.97
N TRP A 61 -6.66 1.94 -26.12
CA TRP A 61 -6.56 3.33 -26.54
C TRP A 61 -7.08 3.58 -27.93
N THR A 62 -6.43 3.00 -28.92
CA THR A 62 -6.92 3.15 -30.29
C THR A 62 -8.04 2.16 -30.46
N GLN A 63 -9.25 2.65 -30.61
CA GLN A 63 -10.45 1.78 -30.57
C GLN A 63 -10.60 0.70 -31.69
N ARG A 64 -9.54 0.41 -32.43
CA ARG A 64 -9.63 -0.42 -33.63
C ARG A 64 -8.40 -1.33 -33.81
N LYS A 65 -7.43 -1.19 -32.92
CA LYS A 65 -6.25 -2.03 -32.88
C LYS A 65 -6.57 -3.11 -31.82
N THR A 66 -6.34 -4.35 -32.17
CA THR A 66 -6.63 -5.42 -31.26
C THR A 66 -5.42 -5.71 -30.43
N ARG A 67 -5.61 -6.52 -29.40
CA ARG A 67 -4.53 -7.14 -28.68
C ARG A 67 -4.72 -8.60 -28.99
N ASN A 68 -3.80 -9.17 -29.75
CA ASN A 68 -3.95 -10.59 -30.13
C ASN A 68 -5.17 -10.92 -31.06
N GLY A 69 -5.59 -9.96 -31.87
CA GLY A 69 -6.68 -10.21 -32.78
C GLY A 69 -8.02 -9.92 -32.15
N PHE A 70 -8.03 -9.40 -30.92
CA PHE A 70 -9.26 -9.15 -30.20
C PHE A 70 -9.25 -7.78 -29.52
N ARG A 71 -10.46 -7.22 -29.32
CA ARG A 71 -10.68 -5.98 -28.59
C ARG A 71 -10.63 -6.32 -27.13
N VAL A 72 -9.78 -5.64 -26.39
CA VAL A 72 -9.81 -5.81 -24.95
C VAL A 72 -11.11 -5.18 -24.41
N PRO A 73 -11.74 -5.88 -23.48
CA PRO A 73 -12.98 -5.42 -22.84
C PRO A 73 -12.81 -4.13 -22.03
N LEU A 74 -13.89 -3.37 -21.89
CA LEU A 74 -13.83 -2.15 -21.09
C LEU A 74 -13.58 -2.45 -19.60
N ALA A 75 -12.66 -1.71 -18.99
CA ALA A 75 -12.44 -1.87 -17.57
C ALA A 75 -13.75 -2.01 -16.78
N ARG A 76 -14.69 -1.10 -16.97
CA ARG A 76 -15.93 -1.06 -16.18
C ARG A 76 -16.88 -2.27 -16.47
N GLU A 77 -16.86 -2.79 -17.70
CA GLU A 77 -17.65 -3.99 -17.97
C GLU A 77 -16.98 -5.22 -17.38
N VAL A 78 -15.66 -5.23 -17.29
CA VAL A 78 -15.03 -6.35 -16.60
C VAL A 78 -15.39 -6.22 -15.12
N SER A 79 -15.49 -4.98 -14.66
CA SER A 79 -15.96 -4.75 -13.29
C SER A 79 -17.40 -5.26 -13.09
N ASN A 80 -18.37 -4.68 -13.80
CA ASN A 80 -19.76 -5.08 -13.63
C ASN A 80 -20.04 -6.57 -13.69
N LYS A 81 -19.39 -7.26 -14.60
CA LYS A 81 -19.67 -8.68 -14.87
C LYS A 81 -19.03 -9.69 -13.91
N ILE A 82 -17.82 -9.40 -13.45
CA ILE A 82 -17.03 -10.37 -12.68
C ILE A 82 -16.73 -9.98 -11.25
N VAL A 83 -16.49 -8.69 -11.05
CA VAL A 83 -16.00 -8.19 -9.75
C VAL A 83 -17.08 -7.75 -8.78
N GLY A 84 -18.28 -7.53 -9.28
CA GLY A 84 -19.34 -7.02 -8.44
C GLY A 84 -20.17 -8.07 -7.78
N TYR A 85 -20.84 -7.67 -6.68
CA TYR A 85 -21.81 -8.48 -5.94
C TYR A 85 -22.63 -7.59 -5.00
N LEU A 86 -23.73 -8.12 -4.45
CA LEU A 86 -24.61 -7.34 -3.58
C LEU A 86 -24.85 -7.87 -2.21
N ASP A 87 -24.42 -9.07 -1.87
CA ASP A 87 -24.74 -9.59 -0.52
C ASP A 87 -23.49 -9.61 0.37
N GLU A 88 -23.47 -8.79 1.42
CA GLU A 88 -22.28 -8.73 2.28
C GLU A 88 -22.28 -9.86 3.30
N ASP A 89 -23.44 -10.48 3.54
CA ASP A 89 -23.55 -11.62 4.49
C ASP A 89 -22.80 -12.80 3.93
N GLY A 90 -22.02 -13.47 4.77
CA GLY A 90 -21.20 -14.63 4.39
C GLY A 90 -19.76 -14.29 4.01
N VAL A 91 -19.49 -13.00 3.86
CA VAL A 91 -18.26 -12.57 3.24
C VAL A 91 -17.03 -12.51 4.11
N LEU A 92 -17.21 -12.44 5.42
CA LEU A 92 -16.05 -12.29 6.35
C LEU A 92 -15.02 -13.44 6.44
N ASP A 93 -13.75 -13.07 6.45
CA ASP A 93 -12.67 -14.02 6.58
C ASP A 93 -12.67 -14.49 8.02
N GLN A 94 -13.16 -15.69 8.20
CA GLN A 94 -13.21 -16.39 9.49
C GLN A 94 -11.90 -16.58 10.29
N ASN A 95 -10.72 -16.30 9.72
CA ASN A 95 -9.43 -16.44 10.47
C ASN A 95 -8.37 -15.32 10.24
N ARG A 96 -8.85 -14.11 10.01
CA ARG A 96 -8.01 -12.96 9.79
C ARG A 96 -8.68 -11.71 10.34
N SER A 97 -7.96 -10.96 11.15
CA SER A 97 -8.49 -9.75 11.72
C SER A 97 -8.54 -8.64 10.67
N LEU A 98 -9.38 -7.63 10.86
CA LEU A 98 -9.38 -6.46 9.98
C LEU A 98 -7.98 -5.80 9.92
N LEU A 99 -7.09 -6.10 10.89
CA LEU A 99 -5.72 -5.61 10.85
C LEU A 99 -4.89 -6.36 9.78
N PHE A 100 -5.32 -7.58 9.40
CA PHE A 100 -4.69 -8.30 8.31
C PHE A 100 -4.81 -7.37 7.07
N MET A 101 -6.02 -6.98 6.67
CA MET A 101 -6.07 -6.03 5.59
C MET A 101 -5.24 -4.80 5.87
N GLN A 102 -5.36 -4.19 7.04
CA GLN A 102 -4.75 -2.89 7.27
C GLN A 102 -3.23 -2.86 7.17
N TRP A 103 -2.58 -3.96 7.47
CA TRP A 103 -1.13 -3.97 7.47
C TRP A 103 -0.60 -4.05 6.04
N GLY A 104 -1.32 -4.77 5.18
CA GLY A 104 -0.93 -4.92 3.79
C GLY A 104 -0.85 -3.56 3.14
N GLN A 105 -1.78 -2.69 3.47
CA GLN A 105 -1.85 -1.35 2.90
C GLN A 105 -0.70 -0.40 3.39
N ILE A 106 -0.28 -0.52 4.65
CA ILE A 106 0.88 0.20 5.20
C ILE A 106 2.15 -0.29 4.52
N VAL A 107 2.32 -1.62 4.42
CA VAL A 107 3.49 -2.17 3.72
C VAL A 107 3.51 -1.68 2.28
N ASP A 108 2.40 -1.85 1.59
CA ASP A 108 2.23 -1.38 0.20
C ASP A 108 2.69 0.09 0.02
N HIS A 109 2.30 0.96 0.96
CA HIS A 109 2.55 2.38 0.84
C HIS A 109 4.00 2.74 1.19
N ASP A 110 4.69 1.79 1.83
CA ASP A 110 6.11 1.90 2.13
C ASP A 110 6.96 1.56 0.91
N LEU A 111 6.41 0.76 0.01
CA LEU A 111 7.20 0.20 -1.08
C LEU A 111 7.00 0.80 -2.47
N ASP A 112 5.74 1.17 -2.82
CA ASP A 112 5.48 1.71 -4.15
C ASP A 112 4.43 2.82 -4.28
N PHE A 113 4.63 3.72 -5.22
CA PHE A 113 3.67 4.78 -5.58
C PHE A 113 3.90 5.23 -7.05
N ALA A 114 2.91 5.10 -7.95
CA ALA A 114 3.00 5.68 -9.30
C ALA A 114 2.03 6.85 -9.37
N PRO A 115 2.45 8.03 -9.03
CA PRO A 115 1.58 9.20 -9.07
C PRO A 115 1.01 9.51 -10.44
N GLU A 116 -0.06 10.30 -10.44
CA GLU A 116 -0.71 10.77 -11.65
C GLU A 116 0.11 11.91 -12.21
N THR A 117 -0.09 12.19 -13.49
CA THR A 117 0.55 13.33 -14.12
C THR A 117 -0.25 14.58 -13.79
N GLU A 118 0.46 15.69 -13.62
CA GLU A 118 -0.19 16.97 -13.37
C GLU A 118 -0.32 17.73 -14.70
N LEU A 119 0.59 18.69 -14.90
CA LEU A 119 0.56 19.58 -16.07
C LEU A 119 -0.71 20.44 -16.06
N GLY A 120 -0.83 21.22 -14.99
CA GLY A 120 -1.95 22.10 -14.74
C GLY A 120 -2.13 22.40 -13.25
N SER A 121 -1.56 23.52 -12.81
CA SER A 121 -1.78 24.05 -11.44
C SER A 121 -2.89 25.07 -11.67
N ASN A 122 -3.61 24.70 -12.73
CA ASN A 122 -4.72 25.35 -13.40
C ASN A 122 -4.50 24.81 -14.83
N GLU A 123 -5.54 24.33 -15.47
CA GLU A 123 -5.44 23.89 -16.84
C GLU A 123 -6.76 23.31 -17.19
N HIS A 124 -7.11 23.48 -18.44
CA HIS A 124 -8.37 22.99 -18.87
C HIS A 124 -8.37 21.49 -19.13
N SER A 125 -7.23 20.82 -18.93
CA SER A 125 -7.17 19.37 -19.13
C SER A 125 -7.65 18.62 -17.89
N LYS A 126 -7.48 19.21 -16.71
CA LYS A 126 -8.03 18.60 -15.50
C LYS A 126 -9.54 18.91 -15.39
N THR A 127 -10.13 19.37 -16.50
CA THR A 127 -11.56 19.66 -16.57
C THR A 127 -12.16 19.38 -17.98
N GLN A 128 -11.30 19.27 -19.00
CA GLN A 128 -11.77 18.81 -20.31
C GLN A 128 -11.80 17.29 -20.25
N CYS A 129 -11.05 16.70 -19.31
CA CYS A 129 -11.02 15.25 -19.09
C CYS A 129 -12.19 14.79 -18.24
N GLU A 130 -12.57 15.60 -17.27
CA GLU A 130 -13.71 15.25 -16.45
C GLU A 130 -15.04 15.62 -17.09
N GLU A 131 -15.05 16.74 -17.81
CA GLU A 131 -16.30 17.23 -18.42
C GLU A 131 -16.75 16.63 -19.76
N TYR A 132 -15.82 16.19 -20.59
CA TYR A 132 -16.27 15.69 -21.90
C TYR A 132 -15.81 14.29 -22.28
N CYS A 133 -15.05 13.66 -21.38
CA CYS A 133 -14.52 12.31 -21.59
C CYS A 133 -13.70 12.19 -22.87
N ILE A 134 -13.14 13.30 -23.32
CA ILE A 134 -12.34 13.26 -24.50
C ILE A 134 -11.03 12.58 -24.16
N GLN A 135 -10.78 11.48 -24.82
CA GLN A 135 -9.50 10.83 -24.73
C GLN A 135 -8.45 11.73 -25.41
N GLY A 136 -7.27 11.83 -24.83
CA GLY A 136 -6.23 12.63 -25.40
C GLY A 136 -5.15 12.97 -24.39
N ASP A 137 -3.90 12.92 -24.87
CA ASP A 137 -2.71 13.14 -24.03
C ASP A 137 -2.86 12.27 -22.82
N ASN A 138 -2.76 12.82 -21.62
CA ASN A 138 -2.81 11.91 -20.49
C ASN A 138 -4.21 11.65 -19.94
N CYS A 139 -5.23 12.01 -20.71
CA CYS A 139 -6.61 11.72 -20.32
C CYS A 139 -7.03 10.40 -21.00
N PHE A 140 -7.42 9.44 -20.19
CA PHE A 140 -7.66 8.13 -20.69
C PHE A 140 -8.88 7.66 -19.89
N PRO A 141 -10.03 8.15 -20.33
CA PRO A 141 -11.30 7.96 -19.62
C PRO A 141 -11.79 6.53 -19.51
N ILE A 142 -12.39 6.19 -18.38
CA ILE A 142 -12.98 4.89 -18.20
C ILE A 142 -14.40 5.12 -18.68
N MET A 143 -14.71 4.70 -19.90
CA MET A 143 -16.04 4.85 -20.50
C MET A 143 -17.04 3.88 -19.88
N PHE A 144 -18.28 4.31 -19.69
CA PHE A 144 -19.32 3.37 -19.25
C PHE A 144 -19.86 2.50 -20.39
N PRO A 145 -20.05 1.22 -20.07
CA PRO A 145 -20.74 0.26 -20.96
C PRO A 145 -22.20 0.63 -21.12
N LYS A 146 -22.86 0.21 -22.23
CA LYS A 146 -24.32 0.28 -22.33
C LYS A 146 -24.97 -0.55 -21.17
N ASN A 147 -25.98 0.01 -20.54
CA ASN A 147 -26.64 -0.68 -19.41
C ASN A 147 -26.02 -0.47 -18.00
N ASP A 148 -24.88 0.24 -17.92
CA ASP A 148 -24.34 0.54 -16.61
C ASP A 148 -25.26 1.55 -15.95
N PRO A 149 -25.76 1.26 -14.76
CA PRO A 149 -26.61 2.26 -14.11
C PRO A 149 -25.96 3.61 -14.17
N LYS A 150 -24.70 3.74 -13.70
CA LYS A 150 -23.97 5.02 -13.65
C LYS A 150 -24.12 5.98 -14.84
N LEU A 151 -24.50 5.47 -16.02
CA LEU A 151 -24.85 6.34 -17.14
C LEU A 151 -26.02 7.28 -16.74
N LYS A 152 -27.03 6.68 -16.13
CA LYS A 152 -28.20 7.42 -15.80
C LYS A 152 -27.94 8.59 -14.87
N THR A 153 -27.05 8.44 -13.91
CA THR A 153 -26.85 9.53 -12.93
C THR A 153 -25.48 10.25 -12.91
N GLN A 154 -24.48 9.78 -13.66
CA GLN A 154 -23.10 10.37 -13.57
C GLN A 154 -22.50 11.02 -14.82
N GLY A 155 -22.76 10.46 -15.99
CA GLY A 155 -22.16 11.02 -17.19
C GLY A 155 -21.69 9.93 -18.14
N LYS A 156 -20.78 10.24 -19.02
CA LYS A 156 -20.39 9.24 -19.97
C LYS A 156 -19.20 8.43 -19.49
N CYS A 157 -18.54 8.88 -18.43
CA CYS A 157 -17.32 8.18 -18.05
C CYS A 157 -16.84 8.47 -16.68
N MET A 158 -15.77 7.79 -16.27
CA MET A 158 -15.08 8.15 -15.02
C MET A 158 -13.74 8.70 -15.50
N PRO A 159 -13.37 9.92 -15.20
CA PRO A 159 -12.06 10.42 -15.64
C PRO A 159 -10.91 9.69 -14.96
N PHE A 160 -9.75 9.74 -15.62
CA PHE A 160 -8.58 8.95 -15.24
C PHE A 160 -7.44 9.53 -16.03
N PHE A 161 -6.31 9.75 -15.35
CA PHE A 161 -5.13 10.38 -15.97
C PHE A 161 -3.95 9.43 -15.96
N ARG A 162 -3.25 9.29 -17.07
CA ARG A 162 -2.15 8.35 -17.06
C ARG A 162 -1.08 8.68 -15.99
N ALA A 163 -0.33 7.65 -15.58
CA ALA A 163 0.70 7.74 -14.55
C ALA A 163 1.93 8.45 -15.01
N GLY A 164 2.72 8.97 -14.08
CA GLY A 164 3.91 9.71 -14.41
C GLY A 164 4.90 8.75 -14.98
N PHE A 165 5.96 9.28 -15.59
CA PHE A 165 6.97 8.45 -16.24
C PHE A 165 8.36 9.09 -16.27
N VAL A 166 9.41 8.26 -16.13
CA VAL A 166 10.76 8.77 -16.01
C VAL A 166 11.19 9.59 -17.18
N CYS A 167 12.46 9.93 -17.12
CA CYS A 167 12.97 10.95 -17.97
C CYS A 167 11.86 12.05 -17.77
N PRO A 168 11.88 13.05 -18.62
CA PRO A 168 11.07 14.26 -18.45
C PRO A 168 9.68 14.26 -17.81
N THR A 169 8.81 14.99 -18.45
CA THR A 169 7.43 15.14 -18.06
C THR A 169 7.16 15.52 -19.49
N PRO A 170 6.58 16.59 -19.93
CA PRO A 170 6.05 16.78 -21.30
C PRO A 170 5.84 15.55 -22.25
N PRO A 171 5.31 15.77 -23.47
CA PRO A 171 5.12 14.75 -24.55
C PRO A 171 6.33 13.90 -24.83
N TYR A 172 6.32 12.62 -24.50
CA TYR A 172 7.60 11.97 -24.67
C TYR A 172 7.64 10.66 -25.43
N GLN A 173 8.86 10.34 -25.87
CA GLN A 173 9.13 9.34 -26.92
C GLN A 173 10.09 8.12 -26.73
N SER A 174 11.22 8.19 -27.45
CA SER A 174 12.29 7.17 -27.63
C SER A 174 12.05 5.69 -27.25
N LEU A 175 12.18 5.45 -25.94
CA LEU A 175 12.11 4.16 -25.24
C LEU A 175 10.69 3.87 -24.83
N ALA A 176 10.44 2.70 -24.29
CA ALA A 176 9.10 2.46 -23.77
C ALA A 176 8.91 3.32 -22.54
N ARG A 177 7.67 3.72 -22.32
CA ARG A 177 7.27 4.53 -21.19
C ARG A 177 7.47 3.78 -19.90
N GLU A 178 8.24 4.33 -18.97
CA GLU A 178 8.49 3.66 -17.68
C GLU A 178 7.95 4.51 -16.51
N GLN A 179 7.06 3.93 -15.70
CA GLN A 179 6.41 4.67 -14.61
C GLN A 179 7.35 4.93 -13.44
N ILE A 180 7.13 5.99 -12.70
CA ILE A 180 8.05 6.36 -11.63
C ILE A 180 7.61 5.69 -10.35
N ASN A 181 8.57 5.42 -9.47
CA ASN A 181 8.26 5.03 -8.11
C ASN A 181 8.71 6.18 -7.18
N ALA A 182 7.77 6.94 -6.60
CA ALA A 182 8.06 8.13 -5.79
C ALA A 182 8.39 7.85 -4.31
N VAL A 183 8.70 6.57 -4.05
CA VAL A 183 8.88 6.07 -2.70
C VAL A 183 10.08 5.14 -2.71
N THR A 184 10.75 4.89 -1.58
CA THR A 184 11.92 4.00 -1.64
C THR A 184 11.47 2.57 -1.66
N SER A 185 12.25 1.68 -2.28
CA SER A 185 11.91 0.27 -2.41
C SER A 185 12.10 -0.59 -1.21
N PHE A 186 12.89 -0.11 -0.28
CA PHE A 186 13.21 -0.84 0.94
C PHE A 186 12.11 -0.69 2.02
N LEU A 187 11.83 -1.78 2.75
CA LEU A 187 10.91 -1.71 3.89
C LEU A 187 11.68 -0.84 4.83
N ASP A 188 11.38 0.44 4.89
CA ASP A 188 12.22 1.31 5.68
C ASP A 188 11.39 2.34 6.36
N ALA A 189 10.10 2.10 6.42
CA ALA A 189 9.17 3.03 7.07
C ALA A 189 9.14 4.42 6.38
N SER A 190 9.39 4.45 5.07
CA SER A 190 9.33 5.73 4.36
C SER A 190 7.95 6.36 4.49
N LEU A 191 6.96 5.57 4.83
CA LEU A 191 5.60 6.10 4.93
C LEU A 191 5.45 6.99 6.15
N VAL A 192 6.41 6.92 7.09
CA VAL A 192 6.45 7.72 8.29
C VAL A 192 7.41 8.91 8.24
N TYR A 193 8.50 8.79 7.49
CA TYR A 193 9.55 9.81 7.55
C TYR A 193 9.66 10.63 6.30
N GLY A 194 9.01 10.17 5.22
CA GLY A 194 9.09 10.82 3.93
C GLY A 194 10.15 10.13 3.11
N SER A 195 10.18 10.36 1.79
CA SER A 195 11.16 9.79 0.85
C SER A 195 11.93 10.91 0.23
N GLU A 196 11.62 12.13 0.66
CA GLU A 196 12.31 13.30 0.17
C GLU A 196 12.85 14.09 1.35
N PRO A 197 14.06 14.61 1.15
CA PRO A 197 14.75 15.44 2.14
C PRO A 197 13.86 16.59 2.65
N SER A 198 13.28 17.35 1.75
CA SER A 198 12.43 18.44 2.19
C SER A 198 11.23 18.00 3.00
N LEU A 199 10.43 17.07 2.48
CA LEU A 199 9.28 16.62 3.24
C LEU A 199 9.74 16.02 4.55
N ALA A 200 10.90 15.36 4.56
CA ALA A 200 11.41 14.71 5.77
C ALA A 200 11.69 15.72 6.85
N SER A 201 12.19 16.88 6.46
CA SER A 201 12.49 17.94 7.45
C SER A 201 11.22 18.60 8.01
N ARG A 202 10.31 18.99 7.13
CA ARG A 202 9.05 19.55 7.55
C ARG A 202 8.42 18.71 8.66
N LEU A 203 8.51 17.39 8.52
CA LEU A 203 7.90 16.46 9.44
C LEU A 203 8.46 16.46 10.87
N GLN A 204 9.74 16.80 10.99
CA GLN A 204 10.45 16.74 12.27
C GLN A 204 10.11 17.89 13.22
N ASN A 205 10.27 17.63 14.52
CA ASN A 205 10.20 18.71 15.47
C ASN A 205 11.63 19.21 15.51
N LEU A 206 11.86 20.42 15.03
CA LEU A 206 13.21 20.96 15.03
C LEU A 206 13.34 22.21 15.94
N SER A 207 12.30 22.48 16.74
CA SER A 207 12.27 23.58 17.71
C SER A 207 12.99 23.17 19.01
N SER A 208 13.34 21.89 19.13
CA SER A 208 13.93 21.31 20.35
C SER A 208 14.80 20.08 20.03
N PRO A 209 15.85 19.81 20.80
CA PRO A 209 16.80 18.79 20.40
C PRO A 209 16.46 17.39 20.92
N LEU A 210 15.18 17.00 20.93
CA LEU A 210 14.78 15.70 21.47
C LEU A 210 14.51 14.72 20.38
N GLY A 211 14.58 15.19 19.14
CA GLY A 211 14.46 14.36 17.95
C GLY A 211 13.05 13.87 17.81
N LEU A 212 12.12 14.77 18.04
CA LEU A 212 10.76 14.38 17.99
C LEU A 212 10.18 14.75 16.63
N MET A 213 9.09 14.06 16.27
CA MET A 213 8.40 14.34 15.02
C MET A 213 7.31 15.29 15.40
N ALA A 214 6.99 16.17 14.46
CA ALA A 214 6.01 17.21 14.67
C ALA A 214 4.66 16.57 14.99
N VAL A 215 3.93 17.19 15.89
CA VAL A 215 2.60 16.73 16.26
C VAL A 215 1.63 17.89 16.19
N ASN A 216 0.39 17.60 15.81
CA ASN A 216 -0.70 18.56 15.77
C ASN A 216 -0.69 19.43 17.08
N GLN A 217 -0.97 20.72 16.96
CA GLN A 217 -0.96 21.58 18.13
C GLN A 217 -2.38 21.99 18.47
N GLU A 218 -3.28 21.86 17.48
CA GLU A 218 -4.71 22.19 17.65
C GLU A 218 -5.58 21.13 18.36
N ALA A 219 -5.24 19.85 18.26
CA ALA A 219 -6.13 18.86 18.88
C ALA A 219 -5.39 17.75 19.58
N TRP A 220 -5.93 17.24 20.68
CA TRP A 220 -5.27 16.14 21.41
C TRP A 220 -6.16 14.91 21.56
N ASP A 221 -5.58 13.77 21.89
CA ASP A 221 -6.34 12.53 22.07
C ASP A 221 -5.99 11.99 23.44
N HIS A 222 -6.78 12.40 24.44
CA HIS A 222 -6.52 12.01 25.82
C HIS A 222 -5.03 12.24 26.18
N GLY A 223 -4.47 13.36 25.71
CA GLY A 223 -3.07 13.69 25.94
C GLY A 223 -2.04 12.86 25.16
N LEU A 224 -2.53 12.14 24.15
CA LEU A 224 -1.67 11.35 23.28
C LEU A 224 -1.76 12.12 21.98
N ALA A 225 -0.78 11.95 21.09
CA ALA A 225 -0.67 12.75 19.88
C ALA A 225 -1.51 12.38 18.67
N TYR A 226 -1.66 13.34 17.79
CA TYR A 226 -2.26 13.12 16.50
C TYR A 226 -1.22 13.63 15.51
N LEU A 227 -1.38 13.30 14.24
CA LEU A 227 -0.50 13.83 13.21
C LEU A 227 -0.82 15.30 12.99
N PRO A 228 0.13 16.10 12.51
CA PRO A 228 -0.11 17.50 12.22
C PRO A 228 -1.18 17.61 11.16
N PHE A 229 -1.80 18.77 10.99
CA PHE A 229 -2.74 18.96 9.88
C PHE A 229 -1.92 19.44 8.68
N ASN A 230 -2.51 19.44 7.50
CA ASN A 230 -1.81 19.92 6.34
C ASN A 230 -2.15 21.34 5.90
N ASN A 231 -1.09 22.10 5.66
CA ASN A 231 -1.13 23.41 5.01
C ASN A 231 -2.16 23.40 3.88
N ARG A 232 -2.10 22.34 3.06
CA ARG A 232 -2.77 22.23 1.74
C ARG A 232 -4.21 22.65 1.56
N LYS A 233 -4.41 23.67 0.76
CA LYS A 233 -5.76 24.07 0.43
C LYS A 233 -5.81 24.14 -1.09
N PRO A 234 -6.89 23.62 -1.71
CA PRO A 234 -8.06 23.05 -1.02
C PRO A 234 -7.68 21.70 -0.41
N SER A 235 -8.56 21.17 0.45
CA SER A 235 -8.32 19.96 1.23
C SER A 235 -9.53 19.04 1.17
N PRO A 236 -9.36 17.83 0.65
CA PRO A 236 -10.50 16.94 0.40
C PRO A 236 -11.11 16.48 1.70
N CYS A 237 -10.32 16.33 2.75
CA CYS A 237 -10.87 15.95 4.02
C CYS A 237 -11.74 17.03 4.56
N GLU A 238 -11.52 18.25 4.08
CA GLU A 238 -12.31 19.42 4.46
C GLU A 238 -13.60 19.38 3.63
N PHE A 239 -13.45 19.14 2.34
CA PHE A 239 -14.57 19.10 1.40
C PHE A 239 -15.64 18.06 1.74
N ILE A 240 -15.26 17.10 2.58
CA ILE A 240 -16.11 15.98 2.97
C ILE A 240 -17.15 16.37 4.05
N ASN A 241 -16.90 17.48 4.73
CA ASN A 241 -17.84 18.03 5.71
C ASN A 241 -17.52 19.52 5.94
N THR A 242 -18.09 20.41 5.13
CA THR A 242 -17.74 21.85 5.19
C THR A 242 -18.06 22.50 6.53
N THR A 243 -18.98 21.92 7.28
CA THR A 243 -19.28 22.37 8.62
C THR A 243 -18.11 22.08 9.58
N ALA A 244 -17.64 20.83 9.61
CA ALA A 244 -16.53 20.47 10.51
C ALA A 244 -15.15 21.09 10.16
N ARG A 245 -14.87 21.17 8.87
CA ARG A 245 -13.61 21.71 8.38
C ARG A 245 -12.43 21.20 9.13
N VAL A 246 -12.20 19.88 9.03
CA VAL A 246 -10.98 19.27 9.60
C VAL A 246 -10.10 18.79 8.43
N PRO A 247 -8.95 19.43 8.20
CA PRO A 247 -8.03 19.03 7.12
C PRO A 247 -7.50 17.60 7.20
N CYS A 248 -6.87 17.16 6.11
CA CYS A 248 -6.19 15.86 6.08
C CYS A 248 -4.97 15.88 6.98
N PHE A 249 -4.35 14.73 7.21
CA PHE A 249 -3.16 14.68 8.06
C PHE A 249 -1.86 14.78 7.26
N LEU A 250 -0.77 15.24 7.87
CA LEU A 250 0.53 15.30 7.21
C LEU A 250 1.41 14.16 7.69
N ALA A 251 1.75 13.26 6.78
CA ALA A 251 2.57 12.14 7.11
C ALA A 251 3.64 12.03 6.06
N GLY A 252 4.54 11.05 6.21
CA GLY A 252 5.63 10.84 5.28
C GLY A 252 5.20 10.29 3.94
N ASP A 253 3.97 9.85 3.84
CA ASP A 253 3.43 9.40 2.56
C ASP A 253 2.12 10.12 2.31
N PHE A 254 1.89 10.56 1.08
CA PHE A 254 0.76 11.49 0.86
C PHE A 254 -0.65 10.89 0.97
N ARG A 255 -0.74 9.56 0.92
CA ARG A 255 -2.01 8.85 0.83
C ARG A 255 -2.61 8.59 2.19
N ALA A 256 -1.95 9.08 3.24
CA ALA A 256 -2.28 8.72 4.61
C ALA A 256 -3.73 8.90 5.07
N SER A 257 -4.46 9.79 4.41
CA SER A 257 -5.80 10.08 4.85
C SER A 257 -6.82 9.46 3.90
N GLU A 258 -6.36 8.60 2.98
CA GLU A 258 -7.31 7.93 2.05
C GLU A 258 -8.49 7.36 2.83
N GLN A 259 -8.26 6.67 3.93
CA GLN A 259 -9.38 6.18 4.70
C GLN A 259 -9.01 6.24 6.17
N ILE A 260 -10.01 6.21 7.04
CA ILE A 260 -9.79 6.47 8.46
C ILE A 260 -8.96 5.42 9.18
N LEU A 261 -9.14 4.17 8.81
CA LEU A 261 -8.42 3.11 9.44
C LEU A 261 -6.99 3.11 8.98
N LEU A 262 -6.64 3.92 7.97
CA LEU A 262 -5.21 4.06 7.57
C LEU A 262 -4.58 5.27 8.28
N ALA A 263 -5.35 6.36 8.45
CA ALA A 263 -4.88 7.50 9.25
C ALA A 263 -4.56 7.00 10.69
N THR A 264 -5.43 6.16 11.26
CA THR A 264 -5.16 5.48 12.53
C THR A 264 -3.78 4.79 12.62
N ALA A 265 -3.46 3.92 11.68
CA ALA A 265 -2.14 3.27 11.75
C ALA A 265 -1.02 4.28 11.64
N HIS A 266 -1.14 5.27 10.78
CA HIS A 266 -0.11 6.28 10.67
C HIS A 266 0.14 6.89 12.02
N THR A 267 -0.96 7.13 12.77
CA THR A 267 -0.86 7.77 14.05
C THR A 267 -0.34 6.87 15.17
N LEU A 268 -0.67 5.58 15.15
CA LEU A 268 0.03 4.70 16.08
C LEU A 268 1.56 4.76 15.80
N LEU A 269 1.98 4.86 14.53
CA LEU A 269 3.43 4.89 14.14
C LEU A 269 4.23 6.16 14.56
N LEU A 270 3.70 7.35 14.27
CA LEU A 270 4.28 8.60 14.73
C LEU A 270 4.46 8.49 16.22
N ARG A 271 3.39 8.07 16.89
CA ARG A 271 3.42 7.90 18.33
C ARG A 271 4.52 6.97 18.77
N GLU A 272 4.75 5.87 18.05
CA GLU A 272 5.87 5.01 18.40
C GLU A 272 7.23 5.72 18.28
N HIS A 273 7.39 6.61 17.31
CA HIS A 273 8.67 7.28 17.17
C HIS A 273 9.07 8.11 18.39
N ASN A 274 8.23 9.09 18.63
CA ASN A 274 8.29 9.98 19.76
C ASN A 274 8.46 9.19 21.03
N ARG A 275 7.80 8.05 21.17
CA ARG A 275 7.97 7.25 22.38
C ARG A 275 9.39 6.75 22.46
N LEU A 276 9.83 6.18 21.35
CA LEU A 276 11.18 5.67 21.25
C LEU A 276 12.16 6.77 21.55
N ALA A 277 11.91 7.97 21.04
CA ALA A 277 12.88 9.05 21.22
C ALA A 277 13.03 9.52 22.66
N ARG A 278 11.92 9.65 23.39
CA ARG A 278 11.97 10.02 24.81
C ARG A 278 12.73 8.95 25.57
N GLU A 279 12.22 7.72 25.53
CA GLU A 279 12.89 6.59 26.18
C GLU A 279 14.40 6.60 25.90
N LEU A 280 14.81 6.73 24.63
CA LEU A 280 16.23 6.72 24.25
C LEU A 280 16.95 7.86 24.93
N LYS A 281 16.37 9.06 24.90
CA LYS A 281 16.98 10.22 25.55
C LYS A 281 17.23 9.99 27.05
N LYS A 282 16.34 9.25 27.73
CA LYS A 282 16.54 8.90 29.13
C LYS A 282 17.77 8.05 29.34
N LEU A 283 17.97 7.08 28.47
CA LEU A 283 19.11 6.22 28.67
C LEU A 283 20.45 6.91 28.36
N ASN A 284 20.45 7.74 27.31
CA ASN A 284 21.66 8.35 26.80
C ASN A 284 21.55 9.89 26.70
N PRO A 285 21.63 10.55 27.85
CA PRO A 285 21.26 11.96 27.94
C PRO A 285 22.15 12.87 27.14
N GLN A 286 23.29 12.33 26.63
CA GLN A 286 24.13 13.20 25.84
C GLN A 286 23.86 13.17 24.31
N TRP A 287 23.04 12.19 23.84
CA TRP A 287 22.62 12.05 22.51
C TRP A 287 21.88 13.29 22.12
N ASP A 288 21.82 13.39 20.83
CA ASP A 288 21.42 14.41 19.91
C ASP A 288 20.01 14.48 19.33
N GLY A 289 19.63 15.74 19.06
CA GLY A 289 18.55 15.97 18.11
C GLY A 289 18.59 14.98 16.95
N GLU A 290 19.64 15.03 16.16
CA GLU A 290 19.76 14.14 15.01
C GLU A 290 19.92 12.69 15.48
N LYS A 291 20.85 12.43 16.37
CA LYS A 291 21.07 11.08 16.87
C LYS A 291 19.84 10.42 17.47
N LEU A 292 19.06 11.16 18.24
CA LEU A 292 17.79 10.59 18.75
C LEU A 292 16.89 10.23 17.59
N TYR A 293 16.77 11.15 16.62
CA TYR A 293 15.94 10.96 15.43
C TYR A 293 16.31 9.68 14.67
N GLN A 294 17.52 9.61 14.14
CA GLN A 294 17.93 8.43 13.39
C GLN A 294 17.81 7.12 14.18
N GLU A 295 18.21 7.09 15.45
CA GLU A 295 18.14 5.86 16.26
C GLU A 295 16.72 5.38 16.51
N ALA A 296 15.84 6.25 16.93
CA ALA A 296 14.46 5.83 17.01
C ALA A 296 14.00 5.30 15.61
N ARG A 297 14.34 6.05 14.54
CA ARG A 297 14.02 5.74 13.15
C ARG A 297 14.56 4.41 12.62
N LYS A 298 15.72 4.02 13.11
CA LYS A 298 16.25 2.71 12.79
C LYS A 298 15.48 1.61 13.58
N ILE A 299 15.21 1.79 14.88
CA ILE A 299 14.34 0.81 15.56
C ILE A 299 12.96 0.57 14.83
N LEU A 300 12.27 1.65 14.46
CA LEU A 300 10.99 1.61 13.76
C LEU A 300 10.99 0.82 12.44
N GLY A 301 11.97 1.11 11.57
CA GLY A 301 12.11 0.36 10.33
C GLY A 301 12.37 -1.13 10.59
N ALA A 302 13.00 -1.46 11.73
CA ALA A 302 13.22 -2.85 12.13
C ALA A 302 11.86 -3.42 12.48
N PHE A 303 11.00 -2.56 13.00
CA PHE A 303 9.71 -3.00 13.44
C PHE A 303 8.85 -3.44 12.24
N VAL A 304 8.59 -2.48 11.34
CA VAL A 304 7.85 -2.72 10.12
C VAL A 304 8.38 -3.96 9.39
N GLN A 305 9.68 -4.21 9.47
CA GLN A 305 10.28 -5.35 8.77
C GLN A 305 9.95 -6.61 9.50
N ILE A 306 10.06 -6.64 10.81
CA ILE A 306 9.82 -7.84 11.59
C ILE A 306 8.35 -8.23 11.58
N ILE A 307 7.45 -7.31 11.82
CA ILE A 307 6.08 -7.75 11.77
C ILE A 307 5.74 -8.24 10.37
N THR A 308 6.30 -7.57 9.34
CA THR A 308 6.06 -7.92 7.93
C THR A 308 6.58 -9.34 7.62
N PHE A 309 7.85 -9.62 7.89
CA PHE A 309 8.40 -10.93 7.54
C PHE A 309 8.03 -12.05 8.49
N ARG A 310 7.90 -11.72 9.76
CA ARG A 310 7.51 -12.71 10.74
C ARG A 310 6.00 -12.96 10.89
N ASP A 311 5.15 -11.92 10.88
CA ASP A 311 3.76 -12.18 11.18
C ASP A 311 2.78 -12.10 10.02
N TYR A 312 3.09 -11.27 9.05
CA TYR A 312 2.16 -11.02 7.97
C TYR A 312 2.43 -11.82 6.73
N LEU A 313 3.69 -12.02 6.36
CA LEU A 313 3.94 -12.80 5.15
C LEU A 313 3.57 -14.29 5.29
N PRO A 314 4.05 -15.01 6.31
CA PRO A 314 3.63 -16.39 6.47
C PRO A 314 2.15 -16.65 6.26
N ILE A 315 1.29 -15.67 6.44
CA ILE A 315 -0.10 -15.95 6.27
C ILE A 315 -0.70 -15.41 4.98
N VAL A 316 0.12 -14.84 4.09
CA VAL A 316 -0.34 -14.44 2.77
C VAL A 316 0.16 -15.49 1.81
N LEU A 317 1.38 -15.93 1.98
CA LEU A 317 1.89 -16.90 1.06
C LEU A 317 1.47 -18.30 1.43
N GLY A 318 1.32 -18.58 2.71
CA GLY A 318 0.87 -19.88 3.19
C GLY A 318 1.97 -20.90 3.10
N SER A 319 1.67 -22.05 2.54
CA SER A 319 2.65 -23.09 2.35
C SER A 319 3.71 -22.68 1.31
N GLU A 320 3.41 -21.66 0.51
CA GLU A 320 4.35 -21.26 -0.55
C GLU A 320 5.46 -20.35 -0.04
N MET A 321 5.40 -20.02 1.24
CA MET A 321 6.38 -19.14 1.87
C MET A 321 7.78 -19.72 1.74
N GLN A 322 7.94 -20.95 2.19
CA GLN A 322 9.21 -21.65 2.19
C GLN A 322 9.89 -21.72 0.81
N LYS A 323 9.11 -21.82 -0.25
CA LYS A 323 9.60 -21.94 -1.62
C LYS A 323 10.06 -20.66 -2.32
N TRP A 324 9.48 -19.51 -1.98
CA TRP A 324 9.94 -18.24 -2.56
C TRP A 324 10.82 -17.44 -1.62
N ILE A 325 10.54 -17.46 -0.33
CA ILE A 325 11.36 -16.73 0.66
C ILE A 325 12.10 -17.71 1.63
N PRO A 326 13.26 -18.24 1.26
CA PRO A 326 13.99 -19.19 2.11
C PRO A 326 14.66 -18.47 3.27
N PRO A 327 15.19 -19.15 4.29
CA PRO A 327 15.60 -18.42 5.48
C PRO A 327 16.78 -17.55 5.18
N TYR A 328 16.90 -16.42 5.87
CA TYR A 328 17.92 -15.42 5.57
C TYR A 328 19.34 -15.94 5.72
N GLN A 329 20.23 -15.47 4.83
CA GLN A 329 21.62 -15.92 4.71
C GLN A 329 22.64 -14.81 4.49
N GLY A 330 22.24 -13.55 4.64
CA GLY A 330 23.18 -12.47 4.45
C GLY A 330 22.83 -11.52 3.32
N TYR A 331 23.30 -10.29 3.40
CA TYR A 331 23.06 -9.34 2.36
C TYR A 331 23.81 -9.78 1.10
N ASN A 332 23.10 -9.78 -0.03
CA ASN A 332 23.69 -10.14 -1.30
C ASN A 332 23.66 -8.93 -2.19
N ASN A 333 24.82 -8.30 -2.40
CA ASN A 333 24.93 -7.06 -3.18
C ASN A 333 24.57 -7.16 -4.69
N SER A 334 24.23 -8.35 -5.15
CA SER A 334 23.94 -8.55 -6.58
C SER A 334 22.47 -8.66 -6.83
N VAL A 335 21.74 -9.01 -5.79
CA VAL A 335 20.30 -9.03 -5.80
C VAL A 335 19.79 -7.58 -6.03
N ASP A 336 18.79 -7.40 -6.86
CA ASP A 336 18.31 -6.07 -7.28
C ASP A 336 17.09 -5.68 -6.40
N PRO A 337 17.21 -4.67 -5.51
CA PRO A 337 16.17 -4.41 -4.50
C PRO A 337 14.97 -3.60 -4.96
N ARG A 338 14.97 -3.17 -6.23
CA ARG A 338 13.93 -2.32 -6.87
C ARG A 338 12.56 -2.92 -6.98
N ILE A 339 11.54 -2.15 -6.68
CA ILE A 339 10.21 -2.68 -6.82
C ILE A 339 9.82 -2.75 -8.27
N SER A 340 9.28 -3.90 -8.66
CA SER A 340 8.94 -4.13 -10.07
C SER A 340 7.57 -3.55 -10.40
N ASN A 341 7.37 -3.19 -11.66
CA ASN A 341 6.08 -2.63 -12.11
C ASN A 341 4.92 -3.56 -11.80
N VAL A 342 5.07 -4.88 -12.02
CA VAL A 342 3.97 -5.84 -11.79
C VAL A 342 3.61 -6.00 -10.29
N PHE A 343 4.59 -5.91 -9.40
CA PHE A 343 4.34 -5.98 -7.97
C PHE A 343 3.24 -5.00 -7.57
N THR A 344 3.21 -3.79 -8.17
CA THR A 344 2.27 -2.75 -7.76
C THR A 344 0.85 -3.10 -8.20
N PHE A 345 0.73 -4.17 -9.00
CA PHE A 345 -0.58 -4.67 -9.35
C PHE A 345 -0.82 -5.95 -8.58
N ALA A 346 0.23 -6.76 -8.41
CA ALA A 346 -0.02 -7.99 -7.68
C ALA A 346 -0.42 -7.62 -6.27
N PHE A 347 0.20 -6.58 -5.72
CA PHE A 347 -0.07 -6.22 -4.33
C PHE A 347 -1.48 -5.64 -4.16
N ARG A 348 -2.19 -5.43 -5.26
CA ARG A 348 -3.58 -5.01 -5.15
C ARG A 348 -4.59 -6.13 -4.80
N PHE A 349 -4.14 -7.31 -4.38
CA PHE A 349 -5.07 -8.38 -3.94
C PHE A 349 -5.82 -7.98 -2.69
N GLY A 350 -5.12 -7.23 -1.83
CA GLY A 350 -5.69 -6.70 -0.64
C GLY A 350 -6.99 -5.96 -0.89
N HIS A 351 -7.18 -5.42 -2.11
CA HIS A 351 -8.47 -4.76 -2.39
C HIS A 351 -9.61 -5.71 -2.15
N MET A 352 -9.46 -6.97 -2.50
CA MET A 352 -10.60 -7.89 -2.38
C MET A 352 -10.83 -8.33 -0.96
N GLU A 353 -10.05 -7.74 -0.06
CA GLU A 353 -10.09 -8.05 1.35
C GLU A 353 -10.76 -6.96 2.16
N VAL A 354 -11.15 -5.85 1.55
CA VAL A 354 -11.78 -4.78 2.31
C VAL A 354 -13.27 -5.03 2.54
N PRO A 355 -13.74 -5.08 3.78
CA PRO A 355 -15.18 -5.26 4.02
C PRO A 355 -15.93 -3.91 3.91
N SER A 356 -17.23 -3.94 4.14
CA SER A 356 -18.05 -2.79 3.81
C SER A 356 -18.33 -1.80 4.89
N THR A 357 -18.02 -2.15 6.14
CA THR A 357 -18.26 -1.24 7.27
C THR A 357 -17.05 -1.11 8.21
N VAL A 358 -17.02 -0.03 9.00
CA VAL A 358 -15.99 0.17 10.03
C VAL A 358 -16.63 0.40 11.39
N SER A 359 -16.21 -0.38 12.39
CA SER A 359 -16.78 -0.33 13.73
C SER A 359 -15.96 0.41 14.73
N ARG A 360 -16.62 0.87 15.77
CA ARG A 360 -15.95 1.55 16.85
C ARG A 360 -16.40 0.85 18.11
N LEU A 361 -15.46 0.46 18.94
CA LEU A 361 -15.82 -0.30 20.11
C LEU A 361 -15.45 0.42 21.40
N ASP A 362 -16.29 0.28 22.43
CA ASP A 362 -16.01 0.89 23.73
C ASP A 362 -15.17 -0.05 24.56
N GLU A 363 -14.86 0.37 25.77
CA GLU A 363 -13.89 -0.34 26.57
C GLU A 363 -14.09 -1.85 26.80
N ASN A 364 -15.32 -2.33 26.80
CA ASN A 364 -15.50 -3.78 26.91
C ASN A 364 -15.70 -4.36 25.50
N TYR A 365 -15.39 -3.59 24.46
CA TYR A 365 -15.54 -4.07 23.08
C TYR A 365 -17.00 -4.15 22.62
N GLN A 366 -17.83 -3.28 23.18
CA GLN A 366 -19.23 -3.18 22.78
C GLN A 366 -19.41 -1.99 21.85
N PRO A 367 -20.36 -2.09 20.93
CA PRO A 367 -20.69 -0.97 20.08
C PRO A 367 -20.63 0.36 20.80
N TRP A 368 -19.72 1.21 20.34
CA TRP A 368 -19.56 2.54 20.91
C TRP A 368 -20.71 3.38 20.34
N GLY A 369 -21.68 3.74 21.17
CA GLY A 369 -22.75 4.59 20.74
C GLY A 369 -23.81 3.94 19.86
N PRO A 370 -24.62 4.79 19.20
CA PRO A 370 -25.73 4.34 18.39
C PRO A 370 -25.37 4.27 16.92
N GLU A 371 -24.34 5.00 16.51
CA GLU A 371 -23.91 4.92 15.12
C GLU A 371 -22.50 4.32 15.14
N ALA A 372 -22.38 3.07 15.60
CA ALA A 372 -21.07 2.41 15.80
C ALA A 372 -20.38 1.99 14.54
N GLU A 373 -21.14 1.26 13.73
CA GLU A 373 -20.68 0.67 12.50
C GLU A 373 -21.09 1.62 11.41
N LEU A 374 -20.17 1.97 10.48
CA LEU A 374 -20.46 2.91 9.37
C LEU A 374 -20.08 2.37 8.01
N PRO A 375 -20.76 2.78 6.94
CA PRO A 375 -20.39 2.34 5.58
C PRO A 375 -19.00 2.81 5.23
N LEU A 376 -18.13 1.93 4.73
CA LEU A 376 -16.76 2.33 4.39
C LEU A 376 -16.72 3.57 3.56
N HIS A 377 -17.73 3.79 2.70
CA HIS A 377 -17.67 4.91 1.76
C HIS A 377 -17.82 6.30 2.37
N THR A 378 -18.25 6.41 3.62
CA THR A 378 -18.23 7.73 4.20
C THR A 378 -16.94 7.99 4.94
N LEU A 379 -15.98 7.09 4.81
CA LEU A 379 -14.72 7.19 5.55
C LEU A 379 -13.50 7.56 4.71
N PHE A 380 -13.67 7.56 3.40
CA PHE A 380 -12.65 8.08 2.51
C PHE A 380 -12.34 9.57 2.90
N PHE A 381 -11.06 9.93 2.90
CA PHE A 381 -10.64 11.28 3.27
C PHE A 381 -11.36 11.90 4.45
N ASN A 382 -11.87 11.04 5.35
CA ASN A 382 -12.57 11.44 6.57
C ASN A 382 -11.63 11.45 7.77
N THR A 383 -11.23 12.64 8.23
CA THR A 383 -10.46 12.80 9.45
C THR A 383 -11.35 13.40 10.55
N TRP A 384 -12.44 14.05 10.17
CA TRP A 384 -13.26 14.67 11.19
C TRP A 384 -13.77 13.66 12.17
N ARG A 385 -13.80 12.39 11.78
CA ARG A 385 -14.33 11.34 12.62
C ARG A 385 -13.33 10.89 13.69
N ILE A 386 -12.03 10.96 13.42
CA ILE A 386 -11.13 10.63 14.48
C ILE A 386 -11.17 11.81 15.45
N ILE A 387 -10.82 13.00 14.96
CA ILE A 387 -10.67 14.15 15.81
C ILE A 387 -11.90 14.42 16.71
N LYS A 388 -13.10 14.35 16.13
CA LYS A 388 -14.36 14.78 16.80
C LYS A 388 -15.37 13.72 17.24
N ASP A 389 -14.92 12.49 17.50
CA ASP A 389 -15.81 11.37 17.69
C ASP A 389 -15.11 10.21 18.41
N GLY A 390 -14.12 10.53 19.26
CA GLY A 390 -13.52 9.54 20.12
C GLY A 390 -12.04 9.27 19.92
N GLY A 391 -11.40 9.98 18.99
CA GLY A 391 -10.01 9.68 18.68
C GLY A 391 -9.72 8.25 18.19
N ILE A 392 -8.52 7.74 18.47
CA ILE A 392 -8.01 6.49 17.94
C ILE A 392 -8.42 5.18 18.55
N ASP A 393 -8.63 5.18 19.86
CA ASP A 393 -8.88 3.93 20.54
C ASP A 393 -10.08 3.11 20.08
N PRO A 394 -11.27 3.70 20.04
CA PRO A 394 -12.49 3.05 19.55
C PRO A 394 -12.41 2.43 18.15
N LEU A 395 -11.33 2.81 17.50
CA LEU A 395 -11.13 2.54 16.12
C LEU A 395 -9.98 1.54 15.92
N VAL A 396 -9.12 1.36 16.94
CA VAL A 396 -8.05 0.37 16.95
C VAL A 396 -8.65 -0.94 17.49
N ARG A 397 -9.52 -0.85 18.50
CA ARG A 397 -10.23 -2.03 18.97
C ARG A 397 -11.02 -2.76 17.85
N GLY A 398 -11.62 -2.01 16.94
CA GLY A 398 -12.34 -2.59 15.83
C GLY A 398 -11.39 -3.36 14.95
N LEU A 399 -10.16 -2.88 14.82
CA LEU A 399 -9.15 -3.62 14.07
C LEU A 399 -8.80 -4.97 14.71
N LEU A 400 -8.90 -5.13 16.03
CA LEU A 400 -8.57 -6.40 16.66
C LEU A 400 -9.79 -7.35 16.76
N ALA A 401 -10.99 -6.78 16.80
CA ALA A 401 -12.17 -7.59 17.12
C ALA A 401 -12.99 -8.03 15.91
N LYS A 402 -12.91 -7.25 14.82
CA LYS A 402 -13.61 -7.47 13.54
C LYS A 402 -12.69 -8.19 12.52
N LYS A 403 -13.25 -8.63 11.38
CA LYS A 403 -12.53 -9.44 10.41
C LYS A 403 -12.38 -8.78 9.03
N SER A 404 -11.32 -9.10 8.30
CA SER A 404 -11.21 -8.68 6.90
C SER A 404 -12.26 -9.47 6.13
N LYS A 405 -12.62 -8.95 4.93
CA LYS A 405 -13.33 -9.73 3.92
C LYS A 405 -12.42 -10.88 3.39
N LEU A 406 -13.05 -11.99 2.98
CA LEU A 406 -12.36 -13.13 2.40
C LEU A 406 -12.52 -13.04 0.90
N MET A 407 -11.43 -13.22 0.18
CA MET A 407 -11.52 -13.24 -1.25
C MET A 407 -12.41 -14.42 -1.49
N ASN A 408 -13.24 -14.33 -2.50
CA ASN A 408 -14.20 -15.38 -2.81
C ASN A 408 -14.46 -15.26 -4.35
N GLN A 409 -14.58 -16.30 -5.17
CA GLN A 409 -14.65 -15.96 -6.60
C GLN A 409 -15.94 -15.33 -7.10
N ASP A 410 -17.01 -15.43 -6.32
CA ASP A 410 -18.30 -14.90 -6.74
C ASP A 410 -18.55 -13.56 -6.05
N LYS A 411 -17.72 -13.21 -5.08
CA LYS A 411 -17.82 -11.90 -4.44
C LYS A 411 -16.43 -11.36 -4.40
N MET A 412 -16.08 -10.32 -5.17
CA MET A 412 -14.69 -9.90 -5.17
C MET A 412 -14.38 -8.57 -4.51
N VAL A 413 -15.04 -7.51 -4.93
CA VAL A 413 -14.76 -6.23 -4.32
C VAL A 413 -16.09 -5.62 -3.89
N THR A 414 -16.21 -5.28 -2.61
CA THR A 414 -17.44 -4.66 -2.16
C THR A 414 -17.80 -3.37 -2.92
N SER A 415 -19.09 -3.10 -3.03
CA SER A 415 -19.56 -1.95 -3.81
C SER A 415 -19.04 -0.66 -3.25
N GLU A 416 -18.69 -0.67 -1.97
CA GLU A 416 -18.21 0.54 -1.30
C GLU A 416 -16.99 1.03 -2.06
N LEU A 417 -16.09 0.14 -2.40
CA LEU A 417 -14.97 0.51 -3.23
C LEU A 417 -15.37 0.47 -4.69
N ARG A 418 -16.33 -0.37 -5.04
CA ARG A 418 -16.64 -0.58 -6.46
C ARG A 418 -17.56 0.42 -7.16
N ASN A 419 -18.40 1.11 -6.40
CA ASN A 419 -19.33 2.06 -7.00
C ASN A 419 -19.22 3.40 -6.35
N LYS A 420 -18.61 3.44 -5.16
CA LYS A 420 -18.73 4.63 -4.32
C LYS A 420 -17.45 5.31 -3.84
N LEU A 421 -16.31 5.06 -4.51
CA LEU A 421 -14.99 5.59 -4.10
C LEU A 421 -14.83 7.08 -4.36
N PHE A 422 -14.38 7.80 -3.33
CA PHE A 422 -14.06 9.23 -3.43
C PHE A 422 -12.60 9.42 -3.87
N GLN A 423 -12.40 10.09 -5.01
CA GLN A 423 -11.04 10.38 -5.49
C GLN A 423 -10.78 11.82 -5.08
N PRO A 424 -9.65 12.11 -4.46
CA PRO A 424 -9.44 13.36 -3.74
C PRO A 424 -9.43 14.58 -4.64
N THR A 425 -9.33 14.36 -5.94
CA THR A 425 -9.42 15.44 -6.89
C THR A 425 -10.90 15.85 -7.25
N HIS A 426 -11.68 14.94 -7.87
CA HIS A 426 -13.11 15.11 -8.36
C HIS A 426 -14.22 15.17 -7.23
N LYS A 427 -15.50 15.47 -7.49
CA LYS A 427 -16.40 15.71 -6.32
C LYS A 427 -17.27 14.56 -5.69
N ILE A 428 -17.70 13.58 -6.49
CA ILE A 428 -18.58 12.50 -6.07
C ILE A 428 -17.97 11.32 -5.33
N HIS A 429 -18.78 10.57 -4.62
CA HIS A 429 -18.36 9.28 -4.08
C HIS A 429 -18.97 8.32 -5.08
N GLY A 430 -18.32 8.20 -6.24
CA GLY A 430 -18.90 7.44 -7.32
C GLY A 430 -17.93 6.78 -8.27
N PHE A 431 -16.67 6.64 -7.86
CA PHE A 431 -15.68 5.97 -8.71
C PHE A 431 -15.71 4.48 -8.50
N ASP A 432 -14.91 3.76 -9.26
CA ASP A 432 -14.79 2.31 -9.07
C ASP A 432 -13.30 1.90 -8.98
N LEU A 433 -12.86 1.40 -7.82
CA LEU A 433 -11.48 0.95 -7.67
C LEU A 433 -11.11 -0.22 -8.63
N ALA A 434 -12.07 -1.13 -8.88
CA ALA A 434 -11.77 -2.30 -9.72
C ALA A 434 -11.46 -1.91 -11.18
N ALA A 435 -12.33 -1.09 -11.78
CA ALA A 435 -12.12 -0.60 -13.15
C ALA A 435 -10.83 0.19 -13.26
N ILE A 436 -10.62 1.10 -12.31
CA ILE A 436 -9.38 1.86 -12.20
C ILE A 436 -8.19 0.93 -12.17
N ASN A 437 -8.13 -0.03 -11.24
CA ASN A 437 -7.06 -1.03 -11.24
C ASN A 437 -6.87 -1.59 -12.65
N LEU A 438 -7.96 -1.96 -13.33
CA LEU A 438 -7.79 -2.55 -14.67
C LEU A 438 -7.27 -1.56 -15.70
N GLN A 439 -7.84 -0.36 -15.70
CA GLN A 439 -7.39 0.67 -16.60
C GLN A 439 -5.92 0.93 -16.25
N ARG A 440 -5.54 0.84 -14.98
CA ARG A 440 -4.16 1.11 -14.58
C ARG A 440 -3.15 0.06 -15.07
N CYS A 441 -3.49 -1.23 -15.07
CA CYS A 441 -2.67 -2.28 -15.68
C CYS A 441 -2.28 -1.87 -17.07
N ARG A 442 -3.27 -1.46 -17.85
CA ARG A 442 -3.11 -1.17 -19.25
C ARG A 442 -2.20 0.02 -19.44
N ASP A 443 -2.35 1.02 -18.59
CA ASP A 443 -1.56 2.23 -18.67
C ASP A 443 -0.09 1.91 -18.38
N HIS A 444 0.12 1.05 -17.39
CA HIS A 444 1.48 0.68 -17.02
C HIS A 444 2.11 -0.31 -17.99
N GLY A 445 1.37 -0.79 -18.98
CA GLY A 445 1.86 -1.66 -20.04
C GLY A 445 2.16 -3.05 -19.57
N MET A 446 1.21 -3.75 -19.00
CA MET A 446 1.50 -5.07 -18.45
C MET A 446 1.30 -6.22 -19.43
N PRO A 447 2.25 -7.15 -19.46
CA PRO A 447 2.03 -8.43 -20.12
C PRO A 447 0.73 -9.07 -19.59
N GLY A 448 0.06 -9.89 -20.41
CA GLY A 448 -1.16 -10.60 -20.02
C GLY A 448 -0.96 -11.70 -19.01
N TYR A 449 -2.03 -12.38 -18.63
CA TYR A 449 -2.01 -13.46 -17.64
C TYR A 449 -1.09 -14.61 -18.03
N ASN A 450 -1.10 -15.04 -19.29
CA ASN A 450 -0.27 -16.19 -19.64
C ASN A 450 1.23 -15.88 -19.60
N SER A 451 1.55 -14.62 -19.85
CA SER A 451 2.95 -14.18 -19.79
C SER A 451 3.48 -14.43 -18.38
N TRP A 452 2.71 -14.02 -17.39
CA TRP A 452 3.10 -14.20 -16.00
C TRP A 452 3.03 -15.67 -15.58
N ARG A 453 2.01 -16.40 -16.02
CA ARG A 453 2.02 -17.79 -15.69
C ARG A 453 3.34 -18.38 -16.24
N GLY A 454 3.61 -18.11 -17.51
CA GLY A 454 4.86 -18.52 -18.12
C GLY A 454 6.03 -18.18 -17.18
N PHE A 455 6.18 -16.91 -16.85
CA PHE A 455 7.16 -16.41 -15.87
C PHE A 455 7.32 -17.21 -14.56
N CYS A 456 6.24 -17.77 -14.06
CA CYS A 456 6.33 -18.45 -12.79
C CYS A 456 6.38 -19.96 -12.99
N GLY A 457 6.62 -20.40 -14.23
CA GLY A 457 6.78 -21.82 -14.49
C GLY A 457 5.52 -22.60 -14.19
N LEU A 458 4.36 -22.01 -14.47
CA LEU A 458 3.11 -22.67 -14.25
C LEU A 458 2.41 -22.74 -15.60
N SER A 459 1.61 -23.78 -15.84
CA SER A 459 0.85 -23.97 -17.06
C SER A 459 0.11 -22.72 -17.60
N GLN A 460 0.00 -22.65 -18.92
CA GLN A 460 -0.67 -21.52 -19.52
C GLN A 460 -1.86 -22.03 -20.27
N PRO A 461 -3.04 -21.95 -19.69
CA PRO A 461 -4.27 -22.33 -20.39
C PRO A 461 -4.54 -21.54 -21.70
N LYS A 462 -5.00 -22.25 -22.73
CA LYS A 462 -5.30 -21.66 -24.04
C LYS A 462 -6.77 -21.81 -24.44
N THR A 463 -7.57 -22.50 -23.64
CA THR A 463 -8.95 -22.82 -23.99
C THR A 463 -9.85 -22.72 -22.78
N LEU A 464 -11.16 -22.63 -23.02
CA LEU A 464 -12.14 -22.61 -21.97
C LEU A 464 -11.84 -23.59 -20.84
N LYS A 465 -11.63 -24.84 -21.21
CA LYS A 465 -11.57 -25.94 -20.27
C LYS A 465 -10.31 -25.89 -19.48
N GLY A 466 -9.27 -25.45 -20.15
CA GLY A 466 -7.99 -25.27 -19.48
C GLY A 466 -8.19 -24.20 -18.43
N LEU A 467 -8.87 -23.10 -18.81
CA LEU A 467 -9.06 -21.99 -17.91
C LEU A 467 -9.90 -22.44 -16.76
N GLN A 468 -10.90 -23.28 -17.07
CA GLN A 468 -11.72 -23.96 -16.06
C GLN A 468 -10.89 -24.73 -15.02
N THR A 469 -9.90 -25.49 -15.49
CA THR A 469 -9.09 -26.24 -14.55
C THR A 469 -8.20 -25.34 -13.70
N VAL A 470 -7.47 -24.46 -14.36
CA VAL A 470 -6.64 -23.56 -13.57
C VAL A 470 -7.45 -22.85 -12.46
N LEU A 471 -8.60 -22.27 -12.82
CA LEU A 471 -9.44 -21.55 -11.87
C LEU A 471 -10.36 -22.43 -11.01
N LYS A 472 -10.47 -23.71 -11.35
CA LYS A 472 -11.38 -24.60 -10.66
C LYS A 472 -12.76 -24.01 -10.47
N ASN A 473 -13.19 -23.24 -11.46
CA ASN A 473 -14.51 -22.64 -11.48
C ASN A 473 -15.06 -22.69 -12.91
N LYS A 474 -16.22 -23.25 -13.14
CA LYS A 474 -16.67 -23.35 -14.52
C LYS A 474 -17.18 -22.03 -14.99
N ILE A 475 -18.03 -21.40 -14.18
CA ILE A 475 -18.71 -20.17 -14.52
C ILE A 475 -17.79 -18.95 -14.63
N LEU A 476 -16.93 -18.72 -13.64
CA LEU A 476 -15.98 -17.60 -13.67
C LEU A 476 -15.17 -17.69 -14.94
N ALA A 477 -14.63 -18.89 -15.18
CA ALA A 477 -13.90 -19.17 -16.39
C ALA A 477 -14.71 -18.84 -17.63
N LYS A 478 -16.03 -18.95 -17.55
CA LYS A 478 -16.83 -18.68 -18.74
C LYS A 478 -17.02 -17.18 -19.00
N LYS A 479 -17.22 -16.42 -17.93
CA LYS A 479 -17.36 -14.97 -18.06
C LYS A 479 -16.07 -14.34 -18.60
N LEU A 480 -14.94 -14.64 -17.94
CA LEU A 480 -13.63 -14.17 -18.34
C LEU A 480 -13.44 -14.43 -19.80
N MET A 481 -13.88 -15.60 -20.23
CA MET A 481 -13.55 -16.01 -21.60
C MET A 481 -14.45 -15.31 -22.59
N ASP A 482 -15.69 -15.05 -22.21
CA ASP A 482 -16.62 -14.25 -23.03
C ASP A 482 -16.25 -12.76 -23.19
N LEU A 483 -15.62 -12.19 -22.15
CA LEU A 483 -15.18 -10.79 -22.18
C LEU A 483 -13.83 -10.57 -22.88
N TYR A 484 -12.97 -11.57 -22.80
CA TYR A 484 -11.60 -11.46 -23.26
C TYR A 484 -11.21 -12.30 -24.53
N LYS A 485 -12.00 -13.31 -24.88
CA LYS A 485 -11.78 -14.15 -26.07
C LYS A 485 -10.58 -15.12 -26.00
N THR A 486 -9.57 -14.78 -25.21
CA THR A 486 -8.45 -15.68 -25.09
C THR A 486 -7.78 -15.42 -23.76
N PRO A 487 -7.23 -16.40 -23.07
CA PRO A 487 -6.62 -16.04 -21.79
C PRO A 487 -5.36 -15.19 -22.00
N ASP A 488 -4.69 -15.33 -23.12
CA ASP A 488 -3.54 -14.45 -23.33
C ASP A 488 -3.85 -12.96 -23.04
N ASN A 489 -5.10 -12.52 -23.22
CA ASN A 489 -5.42 -11.11 -23.02
C ASN A 489 -5.88 -10.73 -21.63
N ILE A 490 -6.11 -11.71 -20.76
CA ILE A 490 -6.59 -11.46 -19.42
C ILE A 490 -5.59 -10.58 -18.66
N ASP A 491 -5.96 -9.34 -18.37
CA ASP A 491 -5.22 -8.42 -17.49
C ASP A 491 -4.74 -9.10 -16.17
N ILE A 492 -3.46 -8.93 -15.79
CA ILE A 492 -2.87 -9.59 -14.59
C ILE A 492 -3.61 -9.36 -13.27
N TRP A 493 -4.18 -8.17 -13.05
CA TRP A 493 -4.90 -7.94 -11.82
C TRP A 493 -6.07 -8.89 -11.61
N ILE A 494 -6.89 -9.07 -12.63
CA ILE A 494 -8.12 -9.87 -12.53
C ILE A 494 -7.83 -11.36 -12.72
N GLY A 495 -6.73 -11.67 -13.41
CA GLY A 495 -6.34 -13.06 -13.57
C GLY A 495 -5.71 -13.52 -12.28
N GLY A 496 -4.83 -12.71 -11.75
CA GLY A 496 -4.11 -13.07 -10.55
C GLY A 496 -5.04 -13.35 -9.42
N ASN A 497 -6.05 -12.49 -9.31
CA ASN A 497 -6.95 -12.58 -8.19
C ASN A 497 -8.04 -13.59 -8.41
N ALA A 498 -8.25 -14.01 -9.64
CA ALA A 498 -9.25 -15.07 -9.87
C ALA A 498 -8.80 -16.50 -9.46
N GLU A 499 -7.51 -16.74 -9.25
CA GLU A 499 -7.08 -18.10 -8.90
C GLU A 499 -7.53 -18.50 -7.50
N PRO A 500 -7.78 -19.76 -7.27
CA PRO A 500 -8.12 -20.20 -5.92
C PRO A 500 -6.88 -20.14 -5.04
N MET A 501 -7.06 -19.96 -3.75
CA MET A 501 -5.99 -19.82 -2.79
C MET A 501 -5.14 -21.05 -2.49
N VAL A 502 -3.83 -20.85 -2.44
CA VAL A 502 -2.94 -21.87 -1.96
C VAL A 502 -3.33 -22.19 -0.51
N GLU A 503 -2.88 -23.36 -0.06
CA GLU A 503 -3.12 -23.86 1.30
C GLU A 503 -2.63 -22.86 2.36
N ARG A 504 -3.42 -22.63 3.40
CA ARG A 504 -3.06 -21.71 4.49
C ARG A 504 -2.64 -20.29 4.06
N GLY A 505 -2.84 -19.97 2.77
CA GLY A 505 -2.47 -18.68 2.23
C GLY A 505 -3.71 -17.86 1.95
N ARG A 506 -3.53 -16.69 1.34
CA ARG A 506 -4.68 -15.87 0.94
C ARG A 506 -4.52 -15.29 -0.47
N VAL A 507 -3.60 -15.88 -1.22
CA VAL A 507 -3.50 -15.63 -2.66
C VAL A 507 -3.14 -16.92 -3.37
N GLY A 508 -3.26 -16.94 -4.69
CA GLY A 508 -3.02 -18.14 -5.47
C GLY A 508 -1.58 -18.42 -5.88
N PRO A 509 -1.38 -19.40 -6.78
CA PRO A 509 -0.05 -19.75 -7.30
C PRO A 509 0.62 -18.57 -8.00
N LEU A 510 -0.07 -17.88 -8.90
CA LEU A 510 0.56 -16.79 -9.64
C LEU A 510 0.92 -15.69 -8.69
N LEU A 511 -0.03 -15.27 -7.87
CA LEU A 511 0.22 -14.28 -6.86
C LEU A 511 1.32 -14.63 -5.78
N ALA A 512 1.41 -15.89 -5.36
CA ALA A 512 2.42 -16.30 -4.39
C ALA A 512 3.83 -16.11 -4.96
N CYS A 513 4.00 -16.53 -6.23
CA CYS A 513 5.23 -16.27 -6.99
C CYS A 513 5.69 -14.78 -7.16
N LEU A 514 4.83 -13.88 -7.63
CA LEU A 514 5.20 -12.47 -7.85
C LEU A 514 5.48 -11.74 -6.54
N LEU A 515 4.58 -11.85 -5.55
CA LEU A 515 4.84 -11.37 -4.20
C LEU A 515 6.08 -12.04 -3.61
N GLY A 516 6.05 -13.35 -3.41
CA GLY A 516 7.18 -14.10 -2.84
C GLY A 516 8.49 -13.67 -3.45
N ARG A 517 8.53 -13.61 -4.77
CA ARG A 517 9.70 -13.07 -5.50
C ARG A 517 10.07 -11.65 -5.06
N GLN A 518 9.16 -10.68 -5.17
CA GLN A 518 9.48 -9.32 -4.70
C GLN A 518 10.08 -9.25 -3.29
N PHE A 519 9.50 -9.98 -2.32
CA PHE A 519 9.88 -9.87 -0.87
C PHE A 519 11.27 -10.44 -0.54
N GLN A 520 11.57 -11.60 -1.12
CA GLN A 520 12.89 -12.20 -1.08
C GLN A 520 13.90 -11.19 -1.58
N GLN A 521 13.60 -10.53 -2.70
CA GLN A 521 14.54 -9.59 -3.29
C GLN A 521 14.80 -8.37 -2.42
N ILE A 522 13.76 -7.68 -1.91
CA ILE A 522 13.95 -6.55 -1.01
C ILE A 522 14.51 -6.92 0.35
N ARG A 523 14.53 -8.18 0.69
CA ARG A 523 15.18 -8.47 1.92
C ARG A 523 16.62 -8.82 1.58
N ASP A 524 16.82 -9.65 0.58
CA ASP A 524 18.17 -10.04 0.21
C ASP A 524 18.98 -8.84 -0.34
N GLY A 525 18.31 -7.82 -0.86
CA GLY A 525 19.03 -6.69 -1.46
C GLY A 525 19.21 -5.48 -0.61
N ASP A 526 18.92 -5.62 0.69
CA ASP A 526 18.93 -4.48 1.60
C ASP A 526 20.10 -4.50 2.59
N ARG A 527 21.05 -3.59 2.38
CA ARG A 527 22.28 -3.54 3.21
C ARG A 527 21.95 -3.34 4.71
N PHE A 528 20.74 -2.86 4.95
CA PHE A 528 20.31 -2.47 6.28
C PHE A 528 19.24 -3.40 6.83
N TRP A 529 18.99 -4.53 6.19
CA TRP A 529 18.11 -5.50 6.78
C TRP A 529 18.56 -5.70 8.25
N TRP A 530 17.60 -5.78 9.15
CA TRP A 530 17.91 -5.84 10.57
C TRP A 530 18.80 -7.02 11.00
N GLU A 531 18.70 -8.19 10.36
CA GLU A 531 19.53 -9.32 10.76
C GLU A 531 20.88 -9.28 10.01
N ASN A 532 21.00 -8.34 9.08
CA ASN A 532 22.25 -8.18 8.31
C ASN A 532 23.36 -7.99 9.34
N PRO A 533 24.31 -8.91 9.48
CA PRO A 533 25.28 -8.73 10.57
C PRO A 533 26.00 -7.41 10.52
N GLY A 534 26.08 -6.79 11.69
CA GLY A 534 26.75 -5.52 11.85
C GLY A 534 25.87 -4.27 11.80
N VAL A 535 24.56 -4.44 11.56
CA VAL A 535 23.53 -3.34 11.56
C VAL A 535 22.88 -3.07 12.95
N PHE A 536 22.55 -4.12 13.69
CA PHE A 536 22.25 -4.01 15.11
C PHE A 536 23.19 -5.00 15.78
N THR A 537 23.62 -4.73 17.00
CA THR A 537 24.44 -5.71 17.73
C THR A 537 23.56 -6.94 18.08
N GLU A 538 24.19 -8.09 18.35
CA GLU A 538 23.46 -9.28 18.80
C GLU A 538 22.43 -9.04 19.96
N LYS A 539 22.79 -8.20 20.92
CA LYS A 539 21.90 -7.96 22.06
C LYS A 539 20.71 -7.07 21.70
N GLN A 540 20.97 -6.10 20.84
CA GLN A 540 19.87 -5.31 20.27
C GLN A 540 18.91 -6.22 19.49
N ARG A 541 19.44 -7.15 18.69
CA ARG A 541 18.60 -8.06 17.91
C ARG A 541 17.67 -8.87 18.79
N ASP A 542 18.22 -9.41 19.87
CA ASP A 542 17.50 -10.18 20.90
C ASP A 542 16.37 -9.37 21.47
N SER A 543 16.58 -8.07 21.50
CA SER A 543 15.59 -7.18 22.04
C SER A 543 14.50 -6.97 20.99
N LEU A 544 14.91 -6.93 19.71
CA LEU A 544 13.96 -6.60 18.63
C LEU A 544 13.01 -7.73 18.26
N GLN A 545 13.38 -8.96 18.56
CA GLN A 545 12.54 -10.14 18.26
C GLN A 545 11.31 -10.18 19.15
N LYS A 546 11.32 -9.45 20.25
CA LYS A 546 10.22 -9.54 21.21
C LYS A 546 9.07 -8.58 20.86
N MET A 547 9.32 -7.66 19.94
CA MET A 547 8.32 -6.76 19.39
C MET A 547 7.18 -7.56 18.82
N SER A 548 6.01 -6.96 18.87
CA SER A 548 4.76 -7.53 18.37
C SER A 548 3.83 -6.37 18.06
N PHE A 549 2.83 -6.57 17.20
CA PHE A 549 1.88 -5.50 16.96
C PHE A 549 1.06 -5.22 18.23
N SER A 550 0.69 -6.26 18.99
CA SER A 550 0.00 -6.01 20.27
C SER A 550 0.68 -4.96 21.18
N ARG A 551 1.92 -5.25 21.59
CA ARG A 551 2.65 -4.31 22.41
C ARG A 551 2.49 -2.89 21.88
N LEU A 552 2.74 -2.69 20.57
CA LEU A 552 2.64 -1.36 19.98
C LEU A 552 1.35 -0.67 20.40
N ILE A 553 0.25 -1.41 20.42
CA ILE A 553 -1.03 -0.84 20.83
C ILE A 553 -1.02 -0.53 22.34
N CYS A 554 -0.50 -1.46 23.13
CA CYS A 554 -0.41 -1.24 24.58
C CYS A 554 0.34 0.08 24.87
N ASP A 555 1.58 0.17 24.41
CA ASP A 555 2.38 1.34 24.63
C ASP A 555 1.85 2.64 24.04
N ASN A 556 0.86 2.60 23.14
CA ASN A 556 0.50 3.86 22.45
C ASN A 556 -0.93 4.30 22.38
N THR A 557 -1.77 3.65 23.16
CA THR A 557 -3.17 4.04 23.23
C THR A 557 -3.63 3.59 24.58
N HIS A 558 -4.85 3.85 24.95
CA HIS A 558 -5.27 3.43 26.27
C HIS A 558 -5.97 2.07 26.33
N ILE A 559 -5.76 1.23 25.31
CA ILE A 559 -6.31 -0.12 25.31
C ILE A 559 -5.51 -0.94 26.28
N THR A 560 -6.19 -1.74 27.12
CA THR A 560 -5.48 -2.53 28.12
C THR A 560 -5.59 -4.03 27.92
N LYS A 561 -6.49 -4.41 27.02
CA LYS A 561 -6.68 -5.82 26.64
C LYS A 561 -6.43 -6.02 25.14
N VAL A 562 -5.60 -7.00 24.79
CA VAL A 562 -5.28 -7.22 23.40
C VAL A 562 -4.99 -8.69 23.13
N PRO A 563 -5.07 -9.08 21.86
CA PRO A 563 -4.65 -10.43 21.47
C PRO A 563 -3.11 -10.58 21.46
N LEU A 564 -2.62 -11.80 21.60
CA LEU A 564 -1.21 -12.04 21.49
C LEU A 564 -0.82 -12.09 19.99
N HIS A 565 -1.60 -12.85 19.20
CA HIS A 565 -1.46 -13.01 17.74
C HIS A 565 -2.48 -12.00 17.18
N ALA A 566 -2.19 -11.14 16.22
CA ALA A 566 -3.16 -9.96 16.20
C ALA A 566 -3.74 -9.97 14.86
N PHE A 567 -3.11 -10.74 14.00
CA PHE A 567 -3.57 -10.87 12.65
C PHE A 567 -4.62 -11.96 12.54
N GLN A 568 -4.65 -12.90 13.47
CA GLN A 568 -5.66 -13.94 13.41
C GLN A 568 -6.98 -13.47 13.99
N ALA A 569 -8.03 -14.12 13.58
CA ALA A 569 -9.34 -13.82 14.09
C ALA A 569 -9.35 -14.11 15.57
N ASN A 570 -9.84 -13.13 16.34
CA ASN A 570 -9.84 -13.20 17.81
C ASN A 570 -11.13 -12.78 18.49
N ASN A 571 -11.61 -13.66 19.35
CA ASN A 571 -12.86 -13.39 20.08
C ASN A 571 -12.66 -12.69 21.43
N TYR A 572 -13.39 -11.58 21.64
CA TYR A 572 -13.40 -10.88 22.96
C TYR A 572 -14.46 -11.44 23.92
N PRO A 573 -14.09 -11.83 25.14
CA PRO A 573 -12.80 -11.63 25.79
C PRO A 573 -11.87 -12.84 25.92
N HIS A 574 -12.25 -13.99 25.38
CA HIS A 574 -11.46 -15.21 25.58
C HIS A 574 -10.09 -15.09 25.01
N ASP A 575 -9.99 -14.53 23.82
CA ASP A 575 -8.70 -14.41 23.18
C ASP A 575 -7.92 -13.17 23.60
N PHE A 576 -8.51 -12.33 24.43
CA PHE A 576 -7.84 -11.10 24.82
C PHE A 576 -7.18 -11.25 26.20
N VAL A 577 -5.86 -11.12 26.26
CA VAL A 577 -5.13 -11.15 27.54
C VAL A 577 -4.83 -9.71 27.96
N ASP A 578 -4.34 -9.52 29.19
CA ASP A 578 -3.99 -8.17 29.68
C ASP A 578 -2.63 -7.68 29.18
N CYS A 579 -2.46 -6.37 29.02
CA CYS A 579 -1.24 -5.85 28.44
C CYS A 579 -0.02 -6.36 29.14
N SER A 580 -0.08 -6.48 30.44
CA SER A 580 1.05 -6.98 31.20
C SER A 580 1.60 -8.32 30.74
N ALA A 581 0.76 -9.14 30.13
CA ALA A 581 1.25 -10.45 29.75
C ALA A 581 1.97 -10.42 28.40
N VAL A 582 2.15 -9.20 27.86
CA VAL A 582 2.75 -9.04 26.54
C VAL A 582 4.17 -8.48 26.56
N ASP A 583 5.11 -9.28 26.05
CA ASP A 583 6.53 -8.93 25.99
C ASP A 583 6.75 -7.46 25.54
N LYS A 584 7.53 -6.74 26.34
CA LYS A 584 7.93 -5.35 26.05
C LYS A 584 9.27 -5.25 25.29
N LEU A 585 9.46 -4.21 24.48
CA LEU A 585 10.73 -4.03 23.84
C LEU A 585 11.68 -3.49 24.91
N ASP A 586 12.81 -4.18 25.12
CA ASP A 586 13.79 -3.79 26.15
C ASP A 586 14.87 -2.91 25.56
N LEU A 587 14.73 -1.60 25.70
CA LEU A 587 15.64 -0.64 25.09
C LEU A 587 17.03 -0.51 25.73
N SER A 588 17.38 -1.36 26.70
CA SER A 588 18.67 -1.19 27.42
C SER A 588 20.00 -1.49 26.64
N PRO A 589 19.98 -2.40 25.67
CA PRO A 589 21.09 -2.58 24.72
C PRO A 589 21.51 -1.33 23.90
N TRP A 590 20.66 -0.29 23.88
CA TRP A 590 21.02 0.96 23.23
C TRP A 590 21.75 1.94 24.19
N ALA A 591 22.29 1.43 25.29
CA ALA A 591 23.07 2.24 26.25
C ALA A 591 24.50 2.55 25.79
N SER A 592 24.95 3.79 25.98
CA SER A 592 26.23 4.26 25.41
C SER A 592 27.24 4.80 26.46
N ARG A 593 28.02 3.91 27.07
CA ARG A 593 29.00 4.28 28.14
C ARG A 593 30.22 5.07 27.65
N GLU A 594 30.28 6.35 28.04
CA GLU A 594 31.31 7.31 27.55
C GLU A 594 32.80 6.97 27.84
N ASN A 595 33.15 6.86 29.13
CA ASN A 595 34.51 6.51 29.53
C ASN A 595 34.81 5.01 29.34
C1 NAG B . -5.71 -19.22 12.19
C2 NAG B . -5.73 -20.72 12.48
C3 NAG B . -4.53 -21.23 13.27
C4 NAG B . -3.16 -20.69 12.81
C5 NAG B . -3.32 -19.20 12.46
C6 NAG B . -2.14 -18.49 11.76
C7 NAG B . -7.74 -22.05 12.48
C8 NAG B . -8.54 -22.99 13.36
N2 NAG B . -6.99 -21.12 13.10
O3 NAG B . -4.51 -22.64 13.17
O4 NAG B . -2.20 -20.95 13.85
O5 NAG B . -4.45 -19.04 11.61
O6 NAG B . -0.84 -19.05 11.89
O7 NAG B . -7.76 -22.18 11.25
C1 NAG B . -0.90 -21.32 13.38
C2 NAG B . 0.07 -21.34 14.55
C3 NAG B . 1.15 -22.43 14.41
C4 NAG B . 1.53 -22.86 12.98
C5 NAG B . 0.34 -22.72 12.01
C6 NAG B . 0.26 -23.94 11.09
C7 NAG B . 0.41 -19.16 15.56
C8 NAG B . 0.86 -17.75 15.28
N2 NAG B . 0.77 -20.07 14.66
O3 NAG B . 0.75 -23.59 15.12
O4 NAG B . 2.74 -22.26 12.50
O5 NAG B . -0.88 -22.55 12.74
O6 NAG B . -0.84 -23.87 10.20
O7 NAG B . -0.25 -19.41 16.57
C1 MAN B . 3.67 -21.97 13.59
C2 MAN B . 4.71 -20.90 13.23
C3 MAN B . 6.13 -21.36 13.61
C4 MAN B . 6.14 -21.80 15.09
C5 MAN B . 5.03 -22.82 15.36
C6 MAN B . 4.09 -22.33 16.49
O2 MAN B . 4.39 -19.73 13.96
O3 MAN B . 7.09 -20.35 13.32
O4 MAN B . 7.39 -22.35 15.50
O5 MAN B . 4.34 -23.10 14.14
O6 MAN B . 3.62 -23.38 17.31
C1 NAG C . 8.10 20.23 19.56
C2 NAG C . 6.62 20.54 19.61
C3 NAG C . 6.26 21.38 20.81
C4 NAG C . 6.83 20.82 22.11
C5 NAG C . 8.32 20.60 21.90
C6 NAG C . 8.95 19.90 23.11
C7 NAG C . 5.49 20.68 17.41
C8 NAG C . 5.23 21.49 16.18
N2 NAG C . 6.17 21.25 18.43
O3 NAG C . 4.85 21.48 20.85
O4 NAG C . 6.64 21.73 23.17
O5 NAG C . 8.54 19.77 20.79
O6 NAG C . 8.16 18.77 23.41
O7 NAG C . 5.08 19.52 17.43
C1 NAG C . 5.89 21.20 24.31
C2 NAG C . 5.96 22.23 25.45
C3 NAG C . 4.61 22.66 26.08
C4 NAG C . 3.61 21.48 26.14
C5 NAG C . 3.54 20.68 24.82
C6 NAG C . 2.19 20.96 24.11
C7 NAG C . 8.13 22.27 26.63
C8 NAG C . 9.16 21.37 27.27
N2 NAG C . 6.88 21.76 26.50
O3 NAG C . 3.99 23.79 25.45
O4 NAG C . 3.80 20.65 27.29
O5 NAG C . 4.59 20.89 23.88
O6 NAG C . 2.03 22.29 23.67
O7 NAG C . 8.46 23.40 26.24
C1 NAG D . -20.24 17.41 9.85
C2 NAG D . -21.21 16.23 9.94
C3 NAG D . -22.05 16.40 11.18
C4 NAG D . -21.24 16.67 12.44
C5 NAG D . -20.02 17.57 12.25
C6 NAG D . -19.04 17.23 13.39
C7 NAG D . -21.86 15.16 7.78
C8 NAG D . -22.68 15.39 6.55
N2 NAG D . -22.10 16.02 8.79
O3 NAG D . -22.73 15.21 11.42
O4 NAG D . -22.12 17.23 13.40
O5 NAG D . -19.41 17.36 10.98
O6 NAG D . -17.91 18.11 13.51
O7 NAG D . -21.05 14.21 7.77
C1 NAG D . -22.01 16.56 14.68
C2 NAG D . -22.61 17.46 15.75
C3 NAG D . -22.36 16.63 17.01
C4 NAG D . -23.42 15.52 17.04
C5 NAG D . -23.55 14.85 15.66
C6 NAG D . -24.95 15.08 15.06
C7 NAG D . -22.40 19.87 15.11
C8 NAG D . -21.64 21.16 15.37
N2 NAG D . -22.01 18.79 15.82
O3 NAG D . -22.41 17.46 18.13
O4 NAG D . -23.24 14.55 18.08
O5 NAG D . -22.52 15.22 14.74
O6 NAG D . -25.32 14.11 14.09
O7 NAG D . -23.31 19.85 14.27
C1 MAN D . -24.07 14.82 19.26
C2 MAN D . -25.60 14.68 18.95
C3 MAN D . -26.48 15.61 19.82
C4 MAN D . -25.85 15.74 21.21
C5 MAN D . -24.47 16.44 21.10
C6 MAN D . -23.62 16.22 22.36
O2 MAN D . -26.04 13.35 19.10
O3 MAN D . -27.83 15.16 19.89
O4 MAN D . -26.72 16.39 22.11
O5 MAN D . -23.74 16.04 19.93
O6 MAN D . -22.83 17.34 22.72
C1 NAG E . 23.70 -13.49 -4.89
C2 NAG E . 24.42 -14.84 -5.04
C3 NAG E . 24.48 -15.42 -6.47
C4 NAG E . 23.57 -14.79 -7.54
C5 NAG E . 22.99 -13.43 -7.10
C6 NAG E . 21.85 -12.83 -7.95
C7 NAG E . 25.97 -15.23 -3.23
C8 NAG E . 27.40 -15.34 -2.80
N2 NAG E . 25.75 -14.75 -4.46
O3 NAG E . 24.19 -16.82 -6.43
O4 NAG E . 24.31 -14.72 -8.77
O5 NAG E . 22.58 -13.51 -5.76
O6 NAG E . 20.94 -13.78 -8.46
O7 NAG E . 25.05 -15.58 -2.47
C1 NAG E . 24.21 -15.99 -9.44
C2 NAG E . 24.02 -15.95 -10.97
C3 NAG E . 23.65 -17.37 -11.44
C4 NAG E . 24.59 -18.44 -10.84
C5 NAG E . 24.80 -18.21 -9.33
C6 NAG E . 25.68 -19.27 -8.64
C7 NAG E . 23.08 -13.71 -11.36
C8 NAG E . 21.84 -12.93 -11.75
N2 NAG E . 22.95 -15.04 -11.36
O3 NAG E . 23.59 -17.49 -12.86
O4 NAG E . 24.02 -19.72 -11.06
O5 NAG E . 25.25 -16.88 -9.09
O6 NAG E . 25.22 -19.52 -7.31
O7 NAG E . 24.12 -13.11 -11.05
CA CA F . 10.24 2.32 1.59
C CO3 G . -5.63 -20.44 7.63
O1 CO3 G . -6.12 -20.74 6.47
O2 CO3 G . -6.50 -19.98 8.40
O3 CO3 G . -4.40 -20.57 8.02
I IOD H . -1.21 21.30 13.28
I IOD I . -4.44 5.39 -1.74
I IOD J . -10.78 18.20 -3.02
I IOD K . -9.93 -1.58 26.49
I IOD L . 7.16 -5.78 -14.82
I IOD M . -5.45 -25.81 -22.63
I IOD N . -20.24 -3.14 16.10
N NO3 O . -24.61 -11.65 -4.64
O1 NO3 O . -25.46 -11.44 -3.58
O2 NO3 O . -23.56 -12.56 -4.43
O3 NO3 O . -24.82 -10.97 -5.85
N NO3 P . 28.94 -4.25 0.24
O1 NO3 P . 28.55 -3.00 0.75
O2 NO3 P . 28.73 -5.37 1.05
O3 NO3 P . 29.53 -4.37 -1.04
N NO3 Q . 7.95 20.38 1.61
O1 NO3 Q . 6.87 19.42 1.38
O2 NO3 Q . 9.26 19.97 1.93
O3 NO3 Q . 7.87 21.78 1.56
N NO3 R . -22.48 -4.17 -18.02
O1 NO3 R . -22.76 -5.13 -17.04
O2 NO3 R . -21.36 -4.38 -18.80
O3 NO3 R . -23.24 -3.05 -18.24
N NO3 S . 13.20 17.66 -2.07
O1 NO3 S . 11.96 18.16 -2.29
O2 NO3 S . 13.62 17.13 -0.92
O3 NO3 S . 13.95 17.63 -3.15
N NO3 T . 12.06 -11.77 10.11
O1 NO3 T . 11.64 -13.02 10.47
O2 NO3 T . 13.05 -11.51 9.20
O3 NO3 T . 11.45 -10.74 10.64
N NO3 U . -21.35 9.91 1.47
O1 NO3 U . -21.66 8.72 2.09
O2 NO3 U . -20.40 10.73 2.11
O3 NO3 U . -22.10 10.10 0.30
CHA HEM V . -3.68 1.66 -5.08
CHB HEM V . -7.58 2.85 -2.50
CHC HEM V . -6.51 -0.91 0.37
CHD HEM V . -2.66 -2.12 -2.09
C1A HEM V . -4.83 2.30 -4.70
C2A HEM V . -5.44 3.40 -5.40
C3A HEM V . -6.54 3.74 -4.71
C4A HEM V . -6.63 2.86 -3.52
CMA HEM V . -7.53 4.85 -5.16
CAA HEM V . -4.91 4.03 -6.73
CBA HEM V . -5.52 3.37 -7.97
CGA HEM V . -4.77 3.82 -9.19
O1A HEM V . -4.63 5.03 -9.45
O2A HEM V . -4.29 2.96 -9.95
C1B HEM V . -7.63 1.96 -1.44
C2B HEM V . -8.55 1.92 -0.31
C3B HEM V . -8.23 0.88 0.46
C4B HEM V . -7.09 0.23 -0.13
CMB HEM V . -9.71 2.86 0.00
CAB HEM V . -8.91 0.42 1.78
CBB HEM V . -10.20 0.61 2.10
C1C HEM V . -5.42 -1.61 -0.06
C2C HEM V . -4.87 -2.79 0.56
C3C HEM V . -3.80 -3.14 -0.15
C4C HEM V . -3.64 -2.17 -1.17
CMC HEM V . -5.47 -3.57 1.74
CAC HEM V . -2.90 -4.38 0.10
CBC HEM V . -3.12 -5.23 1.13
C1D HEM V . -2.52 -1.14 -3.05
C2D HEM V . -1.36 -1.02 -3.87
C3D HEM V . -1.65 0.15 -4.82
C4D HEM V . -3.00 0.61 -4.47
CMD HEM V . -0.12 -1.89 -3.82
CAD HEM V . -0.67 0.71 -5.91
CBD HEM V . 0.28 1.77 -5.33
CGD HEM V . 1.18 2.32 -6.40
O1D HEM V . 2.24 1.70 -6.62
O2D HEM V . 0.83 3.35 -7.01
NA HEM V . -5.56 2.02 -3.56
NB HEM V . -6.74 0.90 -1.30
NC HEM V . -4.64 -1.24 -1.11
ND HEM V . -3.49 -0.19 -3.43
FE HEM V . -5.06 0.47 -2.32
#